data_2OXY
#
_entry.id   2OXY
#
_cell.length_a   48.287
_cell.length_b   57.440
_cell.length_c   62.467
_cell.angle_alpha   91.90
_cell.angle_beta   103.86
_cell.angle_gamma   97.51
#
_symmetry.space_group_name_H-M   'P 1'
#
loop_
_entity.id
_entity.type
_entity.pdbx_description
1 polymer 'Casein kinase II subunit alpha'
2 non-polymer 4,5,6,7-TETRABROMO-BENZIMIDAZOLE
3 water water
#
_entity_poly.entity_id   1
_entity_poly.type   'polypeptide(L)'
_entity_poly.pdbx_seq_one_letter_code
;MSKARVYADVNVLRPKEYWDYEALTVQWGEQDDYEVVRKVGRGKYSEVFEGINVNNNEKCIIKILKPVKKKKIKREIKIL
QNLCGGPNIVKLLDIVRDQHSKTPSLIFEYVNNTDFKVLYPTLTDYDIRYYIYELLKALDYCHSQGIMHRDVKPHNVMID
HELRKLRLIDWGLAEFYHPGKEYNVRVASRYFKGPELLVDLQDYDYSLDMWSLGCMFAGMIFRKEPFFYGHDNHDQLVKI
AKVLGTDGLNVYLNKYRIELDPQLEALVGRHSRKPWLKFMNADNQHLVSPEAIDFLDKLLRYDHQERLTALEAMTHPYFQ
QVRAAENSRTRA
;
_entity_poly.pdbx_strand_id   A,B
#
loop_
_chem_comp.id
_chem_comp.type
_chem_comp.name
_chem_comp.formula
K17 non-polymer 4,5,6,7-TETRABROMO-BENZIMIDAZOLE 'C7 H2 Br4 N2'
#
# COMPACT_ATOMS: atom_id res chain seq x y z
N SER A 2 17.61 -32.38 -15.92
CA SER A 2 16.87 -31.12 -15.59
C SER A 2 17.80 -30.15 -14.88
N LYS A 3 17.73 -28.89 -15.30
CA LYS A 3 18.53 -27.82 -14.73
C LYS A 3 17.60 -26.61 -14.57
N ALA A 4 17.84 -25.83 -13.54
CA ALA A 4 17.11 -24.59 -13.31
C ALA A 4 17.20 -23.63 -14.54
N ARG A 5 16.05 -23.02 -14.87
CA ARG A 5 15.89 -21.99 -15.91
C ARG A 5 16.61 -20.67 -15.60
N VAL A 6 16.78 -20.39 -14.30
CA VAL A 6 17.34 -19.12 -13.82
C VAL A 6 18.28 -19.46 -12.64
N TYR A 7 19.30 -18.64 -12.47
CA TYR A 7 20.21 -18.73 -11.32
C TYR A 7 20.94 -20.08 -11.19
N ALA A 8 21.07 -20.81 -12.30
CA ALA A 8 21.64 -22.19 -12.26
C ALA A 8 23.11 -22.19 -11.79
N ASP A 9 23.89 -21.20 -12.21
CA ASP A 9 25.35 -21.24 -11.97
C ASP A 9 25.87 -20.33 -10.85
N VAL A 10 24.93 -19.77 -10.05
CA VAL A 10 25.26 -18.92 -8.89
C VAL A 10 26.39 -19.49 -8.00
N ASN A 11 26.24 -20.74 -7.56
CA ASN A 11 27.22 -21.32 -6.63
C ASN A 11 28.57 -21.71 -7.25
N VAL A 12 28.61 -21.92 -8.57
CA VAL A 12 29.89 -22.07 -9.33
C VAL A 12 30.71 -20.77 -9.28
N LEU A 13 30.02 -19.66 -9.52
CA LEU A 13 30.71 -18.36 -9.59
C LEU A 13 31.18 -17.84 -8.23
N ARG A 14 30.44 -18.16 -7.18
CA ARG A 14 30.82 -17.68 -5.86
C ARG A 14 31.98 -18.49 -5.25
N PRO A 15 32.69 -17.94 -4.25
CA PRO A 15 33.79 -18.64 -3.57
C PRO A 15 33.27 -19.94 -2.95
N LYS A 16 34.09 -20.99 -2.94
CA LYS A 16 33.71 -22.24 -2.30
C LYS A 16 33.22 -22.02 -0.87
N GLU A 17 33.78 -21.04 -0.15
CA GLU A 17 33.35 -20.87 1.25
C GLU A 17 31.88 -20.43 1.33
N TYR A 18 31.34 -19.84 0.25
CA TYR A 18 29.93 -19.42 0.25
C TYR A 18 28.98 -20.62 0.48
N TRP A 19 29.26 -21.74 -0.18
CA TRP A 19 28.33 -22.85 -0.22
C TRP A 19 28.83 -24.08 0.51
N ASP A 20 30.11 -24.09 0.90
CA ASP A 20 30.71 -25.24 1.57
C ASP A 20 30.41 -25.11 3.07
N TYR A 21 29.13 -25.28 3.41
CA TYR A 21 28.68 -25.14 4.80
C TYR A 21 29.31 -26.11 5.82
N GLU A 22 29.79 -27.26 5.34
CA GLU A 22 30.45 -28.21 6.20
C GLU A 22 31.76 -27.61 6.77
N ALA A 23 32.30 -26.58 6.10
CA ALA A 23 33.53 -25.90 6.53
C ALA A 23 33.30 -24.72 7.48
N LEU A 24 32.03 -24.42 7.76
CA LEU A 24 31.67 -23.32 8.63
C LEU A 24 32.35 -23.41 10.00
N THR A 25 32.93 -22.29 10.45
CA THR A 25 33.30 -22.13 11.86
C THR A 25 32.43 -20.99 12.39
N VAL A 26 31.90 -21.10 13.58
CA VAL A 26 31.06 -20.00 14.08
C VAL A 26 31.84 -19.16 15.09
N GLN A 27 31.62 -17.85 15.00
CA GLN A 27 32.05 -16.94 16.05
C GLN A 27 30.91 -16.80 17.09
N TRP A 28 30.98 -17.56 18.18
CA TRP A 28 29.82 -17.70 19.09
C TRP A 28 29.65 -16.42 19.89
N GLY A 29 28.41 -15.94 19.96
CA GLY A 29 28.09 -14.73 20.70
C GLY A 29 27.98 -14.99 22.20
N GLU A 30 27.48 -14.01 22.96
CA GLU A 30 27.37 -14.12 24.43
C GLU A 30 26.05 -14.78 24.80
N GLN A 31 26.10 -16.05 25.17
CA GLN A 31 24.90 -16.78 25.59
C GLN A 31 24.11 -16.07 26.71
N ASP A 32 24.86 -15.43 27.60
CA ASP A 32 24.30 -14.72 28.74
C ASP A 32 23.46 -13.46 28.37
N ASP A 33 23.58 -13.00 27.13
CA ASP A 33 22.89 -11.80 26.66
C ASP A 33 21.37 -12.07 26.42
N TYR A 34 20.97 -13.34 26.39
CA TYR A 34 19.61 -13.74 25.96
C TYR A 34 18.96 -14.72 26.92
N GLU A 35 17.73 -14.40 27.32
CA GLU A 35 16.96 -15.31 28.18
C GLU A 35 15.67 -15.74 27.50
N VAL A 36 15.23 -16.93 27.89
CA VAL A 36 14.08 -17.63 27.32
C VAL A 36 12.89 -17.36 28.24
N VAL A 37 11.81 -16.77 27.69
CA VAL A 37 10.65 -16.36 28.50
C VAL A 37 9.47 -17.36 28.47
N ARG A 38 9.07 -17.77 27.27
CA ARG A 38 8.00 -18.73 27.12
C ARG A 38 8.08 -19.47 25.81
N LYS A 39 7.57 -20.70 25.84
CA LYS A 39 7.53 -21.53 24.64
C LYS A 39 6.43 -21.13 23.64
N VAL A 40 6.84 -21.08 22.37
CA VAL A 40 5.96 -20.84 21.23
C VAL A 40 5.97 -22.13 20.42
N GLY A 41 6.69 -23.11 20.99
CA GLY A 41 6.64 -24.56 20.68
C GLY A 41 7.15 -24.87 19.29
N ARG A 42 7.30 -26.11 18.86
CA ARG A 42 7.85 -27.27 19.57
C ARG A 42 8.37 -28.07 18.38
N GLY A 43 9.48 -28.76 18.54
CA GLY A 43 10.14 -29.25 17.35
C GLY A 43 10.08 -30.73 17.15
N LYS A 44 11.16 -31.17 16.46
CA LYS A 44 11.67 -32.49 16.54
C LYS A 44 13.19 -32.56 16.68
N TYR A 45 13.93 -31.78 15.88
CA TYR A 45 14.84 -30.77 16.42
C TYR A 45 14.76 -29.26 16.42
N SER A 46 13.84 -28.81 17.25
CA SER A 46 13.97 -27.50 17.80
C SER A 46 12.94 -27.42 18.86
N GLU A 47 13.09 -26.42 19.71
CA GLU A 47 11.96 -25.80 20.37
C GLU A 47 12.20 -24.34 20.16
N VAL A 48 11.12 -23.60 19.98
CA VAL A 48 11.17 -22.16 19.74
C VAL A 48 10.45 -21.48 20.89
N PHE A 49 11.04 -20.34 21.33
CA PHE A 49 10.65 -19.59 22.49
C PHE A 49 10.66 -18.09 22.14
N GLU A 50 9.76 -17.34 22.75
CA GLU A 50 9.93 -15.92 22.90
C GLU A 50 11.05 -15.72 23.93
N GLY A 51 11.93 -14.80 23.63
CA GLY A 51 12.99 -14.44 24.55
C GLY A 51 13.15 -12.96 24.69
N ILE A 52 14.22 -12.60 25.40
CA ILE A 52 14.52 -11.23 25.71
C ILE A 52 16.04 -11.04 25.59
N ASN A 53 16.46 -9.93 25.00
CA ASN A 53 17.86 -9.48 25.07
C ASN A 53 17.99 -8.69 26.37
N VAL A 54 18.78 -9.22 27.30
CA VAL A 54 18.87 -8.65 28.65
C VAL A 54 19.65 -7.34 28.76
N ASN A 55 20.20 -6.89 27.62
CA ASN A 55 20.89 -5.60 27.51
C ASN A 55 19.91 -4.45 27.26
N ASN A 56 19.13 -4.58 26.17
CA ASN A 56 18.23 -3.53 25.68
C ASN A 56 16.73 -3.78 25.97
N ASN A 57 16.44 -4.91 26.63
CA ASN A 57 15.08 -5.42 26.91
C ASN A 57 14.22 -5.70 25.66
N GLU A 58 14.81 -5.77 24.48
CA GLU A 58 14.02 -6.06 23.32
C GLU A 58 13.64 -7.55 23.22
N LYS A 59 12.45 -7.80 22.70
CA LYS A 59 12.04 -9.17 22.43
C LYS A 59 12.82 -9.75 21.27
N CYS A 60 13.04 -11.06 21.37
CA CYS A 60 13.62 -11.81 20.29
C CYS A 60 12.94 -13.19 20.23
N ILE A 61 13.31 -13.96 19.22
CA ILE A 61 12.85 -15.34 19.15
C ILE A 61 14.10 -16.21 19.23
N ILE A 62 14.00 -17.30 20.00
CA ILE A 62 15.13 -18.14 20.28
C ILE A 62 14.81 -19.56 19.90
N LYS A 63 15.62 -20.09 18.98
CA LYS A 63 15.40 -21.45 18.52
C LYS A 63 16.54 -22.31 19.05
N ILE A 64 16.21 -23.26 19.92
CA ILE A 64 17.24 -24.10 20.53
C ILE A 64 17.29 -25.44 19.82
N LEU A 65 18.47 -25.71 19.27
CA LEU A 65 18.57 -26.80 18.32
C LEU A 65 18.88 -28.09 19.06
N LYS A 66 17.84 -28.91 19.25
CA LYS A 66 17.93 -30.19 19.95
C LYS A 66 19.10 -30.89 19.37
N PRO A 67 19.84 -31.63 20.19
CA PRO A 67 21.14 -32.01 19.61
C PRO A 67 21.11 -33.14 18.57
N VAL A 68 21.96 -33.07 17.57
CA VAL A 68 21.60 -32.41 16.33
C VAL A 68 22.69 -32.88 15.43
N LYS A 69 22.39 -33.02 14.15
CA LYS A 69 23.47 -33.41 13.33
C LYS A 69 24.15 -32.12 13.00
N LYS A 70 25.45 -32.11 13.30
CA LYS A 70 26.31 -30.97 13.09
C LYS A 70 26.11 -30.42 11.69
N LYS A 71 25.90 -31.33 10.74
CA LYS A 71 25.80 -30.98 9.32
C LYS A 71 24.61 -30.08 9.02
N LYS A 72 23.44 -30.43 9.56
CA LYS A 72 22.22 -29.63 9.29
C LYS A 72 22.20 -28.31 10.05
N ILE A 73 22.77 -28.30 11.26
CA ILE A 73 22.96 -27.04 11.99
C ILE A 73 23.82 -26.06 11.17
N LYS A 74 24.96 -26.55 10.69
CA LYS A 74 25.89 -25.74 9.87
C LYS A 74 25.18 -25.23 8.61
N ARG A 75 24.44 -26.13 7.96
CA ARG A 75 23.68 -25.75 6.73
C ARG A 75 22.75 -24.56 6.98
N GLU A 76 21.93 -24.68 8.05
CA GLU A 76 20.94 -23.66 8.44
C GLU A 76 21.65 -22.33 8.77
N ILE A 77 22.72 -22.42 9.57
CA ILE A 77 23.45 -21.20 9.97
C ILE A 77 24.03 -20.51 8.73
N LYS A 78 24.77 -21.26 7.91
CA LYS A 78 25.42 -20.69 6.69
C LYS A 78 24.39 -20.01 5.75
N ILE A 79 23.27 -20.70 5.53
CA ILE A 79 22.19 -20.13 4.68
C ILE A 79 21.62 -18.81 5.25
N LEU A 80 21.27 -18.82 6.54
CA LEU A 80 20.82 -17.60 7.26
C LEU A 80 21.84 -16.44 7.17
N GLN A 81 23.13 -16.76 7.35
CA GLN A 81 24.21 -15.76 7.22
C GLN A 81 24.29 -15.18 5.81
N ASN A 82 24.20 -16.07 4.81
CA ASN A 82 24.24 -15.72 3.40
C ASN A 82 23.09 -14.82 2.97
N LEU A 83 21.94 -15.02 3.61
CA LEU A 83 20.71 -14.28 3.26
C LEU A 83 20.41 -13.05 4.14
N CYS A 84 21.10 -12.93 5.28
CA CYS A 84 20.77 -11.85 6.24
C CYS A 84 20.81 -10.47 5.53
N GLY A 85 19.76 -9.65 5.73
CA GLY A 85 19.67 -8.36 5.02
C GLY A 85 18.78 -8.35 3.76
N GLY A 86 18.53 -9.53 3.19
CA GLY A 86 17.65 -9.69 2.03
C GLY A 86 16.21 -9.35 2.40
N PRO A 87 15.42 -8.88 1.40
CA PRO A 87 14.08 -8.42 1.67
C PRO A 87 13.18 -9.54 2.18
N ASN A 88 12.51 -9.25 3.30
CA ASN A 88 11.55 -10.17 3.90
C ASN A 88 12.05 -11.56 4.31
N ILE A 89 13.37 -11.65 4.52
CA ILE A 89 14.03 -12.83 5.07
C ILE A 89 14.19 -12.60 6.56
N VAL A 90 13.75 -13.55 7.38
CA VAL A 90 14.00 -13.44 8.81
C VAL A 90 15.51 -13.19 9.11
N LYS A 91 15.73 -12.28 10.05
CA LYS A 91 17.10 -11.88 10.41
C LYS A 91 17.63 -12.68 11.57
N LEU A 92 18.74 -13.39 11.33
CA LEU A 92 19.52 -14.06 12.37
C LEU A 92 20.39 -13.02 13.06
N LEU A 93 20.00 -12.62 14.25
CA LEU A 93 20.69 -11.56 14.96
C LEU A 93 21.93 -12.02 15.73
N ASP A 94 21.92 -13.26 16.19
CA ASP A 94 23.04 -13.80 16.97
C ASP A 94 22.96 -15.32 16.94
N ILE A 95 24.08 -15.95 17.30
CA ILE A 95 24.22 -17.40 17.37
C ILE A 95 25.05 -17.63 18.65
N VAL A 96 24.49 -18.33 19.63
CA VAL A 96 25.15 -18.54 20.92
C VAL A 96 25.00 -20.03 21.31
N ARG A 97 25.71 -20.45 22.37
CA ARG A 97 25.63 -21.84 22.83
C ARG A 97 26.05 -22.00 24.32
N ASP A 98 25.57 -23.08 24.97
CA ASP A 98 25.93 -23.38 26.37
C ASP A 98 27.44 -23.68 26.33
N GLN A 99 28.22 -22.99 27.16
CA GLN A 99 29.65 -23.27 27.23
C GLN A 99 29.97 -24.70 27.59
N HIS A 100 29.12 -25.40 28.32
CA HIS A 100 29.50 -26.76 28.68
C HIS A 100 28.90 -27.89 27.87
N SER A 101 27.62 -27.82 27.57
CA SER A 101 26.94 -28.86 26.81
C SER A 101 27.06 -28.55 25.33
N LYS A 102 27.39 -27.29 25.00
CA LYS A 102 27.35 -26.75 23.63
C LYS A 102 26.15 -27.08 22.72
N THR A 103 24.94 -27.44 23.13
CA THR A 103 23.68 -26.77 22.80
C THR A 103 23.65 -25.38 22.23
N PRO A 104 23.49 -25.26 20.87
CA PRO A 104 23.30 -23.94 20.26
C PRO A 104 21.86 -23.45 20.20
N SER A 105 21.73 -22.12 20.30
CA SER A 105 20.49 -21.36 20.17
C SER A 105 20.68 -20.29 19.08
N LEU A 106 19.80 -20.24 18.10
CA LEU A 106 19.85 -19.16 17.12
C LEU A 106 18.89 -18.08 17.64
N ILE A 107 19.30 -16.84 17.50
CA ILE A 107 18.52 -15.68 17.95
C ILE A 107 18.03 -14.86 16.77
N PHE A 108 16.71 -14.76 16.68
CA PHE A 108 16.07 -14.07 15.54
C PHE A 108 15.40 -12.79 15.97
N GLU A 109 15.29 -11.83 15.05
CA GLU A 109 14.39 -10.70 15.21
C GLU A 109 12.94 -11.19 15.54
N TYR A 110 12.29 -10.48 16.44
CA TYR A 110 10.92 -10.82 16.82
C TYR A 110 9.93 -10.24 15.79
N VAL A 111 8.94 -11.05 15.42
CA VAL A 111 7.79 -10.58 14.61
C VAL A 111 6.49 -10.87 15.40
N ASN A 112 5.67 -9.84 15.55
CA ASN A 112 4.34 -10.00 16.18
C ASN A 112 3.30 -10.71 15.29
N ASN A 113 3.49 -12.01 15.05
CA ASN A 113 2.68 -12.79 14.12
C ASN A 113 1.23 -13.02 14.60
N THR A 114 0.29 -13.03 13.67
CA THR A 114 -1.05 -13.57 13.95
C THR A 114 -1.16 -14.89 13.16
N ASP A 115 -1.51 -15.99 13.84
CA ASP A 115 -1.54 -17.28 13.18
C ASP A 115 -2.45 -17.21 11.96
N PHE A 116 -2.06 -17.91 10.89
CA PHE A 116 -2.80 -17.77 9.63
C PHE A 116 -4.29 -18.17 9.73
N LYS A 117 -4.63 -19.13 10.61
CA LYS A 117 -6.04 -19.58 10.74
C LYS A 117 -6.91 -18.44 11.29
N VAL A 118 -6.30 -17.52 12.03
CA VAL A 118 -7.03 -16.34 12.54
C VAL A 118 -6.94 -15.21 11.51
N LEU A 119 -5.75 -15.00 10.98
CA LEU A 119 -5.43 -13.84 10.15
C LEU A 119 -6.09 -13.91 8.76
N TYR A 120 -5.90 -15.05 8.08
CA TYR A 120 -6.32 -15.12 6.68
C TYR A 120 -7.82 -14.81 6.46
N PRO A 121 -8.74 -15.33 7.30
CA PRO A 121 -10.15 -14.91 7.13
C PRO A 121 -10.44 -13.39 7.14
N THR A 122 -9.57 -12.60 7.76
CA THR A 122 -9.69 -11.13 7.81
C THR A 122 -9.10 -10.38 6.62
N LEU A 123 -8.28 -11.06 5.82
CA LEU A 123 -7.62 -10.40 4.66
C LEU A 123 -8.53 -10.03 3.48
N THR A 124 -8.29 -8.84 2.96
CA THR A 124 -9.03 -8.35 1.81
C THR A 124 -8.35 -8.86 0.51
N ASP A 125 -9.02 -8.65 -0.63
CA ASP A 125 -8.40 -8.83 -1.97
C ASP A 125 -7.04 -8.13 -2.05
N TYR A 126 -6.96 -6.83 -1.71
CA TYR A 126 -5.68 -6.12 -1.78
C TYR A 126 -4.62 -6.70 -0.79
N ASP A 127 -5.04 -7.05 0.44
CA ASP A 127 -4.13 -7.67 1.45
C ASP A 127 -3.40 -8.90 0.87
N ILE A 128 -4.14 -9.76 0.16
CA ILE A 128 -3.55 -11.00 -0.41
C ILE A 128 -2.51 -10.65 -1.48
N ARG A 129 -2.90 -9.75 -2.40
CA ARG A 129 -1.99 -9.24 -3.41
C ARG A 129 -0.69 -8.68 -2.79
N TYR A 130 -0.85 -7.77 -1.81
CA TYR A 130 0.26 -7.17 -1.11
C TYR A 130 1.22 -8.22 -0.48
N TYR A 131 0.67 -9.16 0.26
CA TYR A 131 1.50 -10.05 1.03
C TYR A 131 2.14 -11.09 0.13
N ILE A 132 1.42 -11.58 -0.87
CA ILE A 132 2.03 -12.54 -1.83
C ILE A 132 3.21 -11.86 -2.57
N TYR A 133 3.06 -10.56 -2.89
CA TYR A 133 4.14 -9.79 -3.53
C TYR A 133 5.36 -9.71 -2.57
N GLU A 134 5.12 -9.43 -1.29
CA GLU A 134 6.18 -9.37 -0.27
C GLU A 134 6.93 -10.74 -0.20
N LEU A 135 6.14 -11.81 -0.20
CA LEU A 135 6.68 -13.19 -0.18
C LEU A 135 7.53 -13.51 -1.44
N LEU A 136 7.08 -13.03 -2.60
CA LEU A 136 7.84 -13.21 -3.82
C LEU A 136 9.18 -12.49 -3.78
N LYS A 137 9.24 -11.30 -3.16
CA LYS A 137 10.53 -10.61 -2.94
C LYS A 137 11.58 -11.53 -2.24
N ALA A 138 11.13 -12.21 -1.18
CA ALA A 138 11.94 -13.12 -0.38
C ALA A 138 12.43 -14.30 -1.20
N LEU A 139 11.53 -14.89 -2.00
CA LEU A 139 11.83 -16.03 -2.84
C LEU A 139 12.77 -15.67 -3.99
N ASP A 140 12.49 -14.56 -4.69
CA ASP A 140 13.45 -14.13 -5.71
C ASP A 140 14.82 -13.88 -5.12
N TYR A 141 14.88 -13.21 -3.97
CA TYR A 141 16.15 -13.01 -3.30
C TYR A 141 16.92 -14.30 -2.97
N CYS A 142 16.28 -15.24 -2.26
CA CYS A 142 17.00 -16.50 -1.91
C CYS A 142 17.41 -17.30 -3.14
N HIS A 143 16.52 -17.38 -4.14
CA HIS A 143 16.87 -18.02 -5.40
C HIS A 143 18.09 -17.35 -6.07
N SER A 144 18.10 -16.01 -6.10
CA SER A 144 19.19 -15.25 -6.75
C SER A 144 20.51 -15.47 -6.02
N GLN A 145 20.40 -15.88 -4.76
CA GLN A 145 21.55 -16.19 -3.95
C GLN A 145 21.87 -17.69 -3.94
N GLY A 146 21.27 -18.46 -4.86
CA GLY A 146 21.61 -19.86 -5.02
C GLY A 146 21.02 -20.79 -3.97
N ILE A 147 19.91 -20.36 -3.35
CA ILE A 147 19.28 -21.17 -2.29
C ILE A 147 17.80 -21.44 -2.58
N MET A 148 17.39 -22.70 -2.34
CA MET A 148 15.99 -23.19 -2.34
C MET A 148 15.47 -23.21 -0.91
N HIS A 149 14.26 -22.68 -0.67
CA HIS A 149 13.71 -22.76 0.71
C HIS A 149 13.21 -24.17 1.10
N ARG A 150 12.49 -24.81 0.19
CA ARG A 150 11.93 -26.17 0.34
C ARG A 150 10.92 -26.44 1.47
N ASP A 151 10.33 -25.40 2.05
CA ASP A 151 9.25 -25.58 3.03
C ASP A 151 8.35 -24.34 3.06
N VAL A 152 8.04 -23.80 1.89
CA VAL A 152 7.06 -22.71 1.81
C VAL A 152 5.65 -23.23 2.23
N LYS A 153 5.04 -22.54 3.17
CA LYS A 153 3.69 -22.81 3.69
C LYS A 153 3.30 -21.67 4.63
N PRO A 154 1.98 -21.46 4.87
CA PRO A 154 1.54 -20.34 5.76
C PRO A 154 2.21 -20.43 7.15
N HIS A 155 2.47 -21.65 7.64
CA HIS A 155 3.09 -21.81 8.98
C HIS A 155 4.50 -21.21 9.03
N ASN A 156 5.13 -21.06 7.86
CA ASN A 156 6.50 -20.53 7.76
C ASN A 156 6.58 -19.09 7.22
N VAL A 157 5.45 -18.39 7.30
CA VAL A 157 5.34 -17.01 6.84
C VAL A 157 4.79 -16.20 8.00
N MET A 158 5.67 -15.45 8.67
CA MET A 158 5.25 -14.61 9.80
C MET A 158 4.75 -13.28 9.27
N ILE A 159 3.57 -12.85 9.72
CA ILE A 159 3.03 -11.54 9.33
C ILE A 159 2.62 -10.75 10.57
N ASP A 160 3.18 -9.55 10.74
CA ASP A 160 2.66 -8.55 11.67
C ASP A 160 1.77 -7.64 10.84
N HIS A 161 0.47 -7.93 10.90
CA HIS A 161 -0.53 -7.28 10.04
C HIS A 161 -0.62 -5.75 10.27
N GLU A 162 -0.53 -5.35 11.54
CA GLU A 162 -0.53 -3.92 11.92
C GLU A 162 0.63 -3.18 11.25
N LEU A 163 1.76 -3.88 11.08
CA LEU A 163 2.99 -3.26 10.56
C LEU A 163 3.23 -3.62 9.11
N ARG A 164 2.28 -4.37 8.53
CA ARG A 164 2.35 -4.78 7.12
C ARG A 164 3.68 -5.47 6.82
N LYS A 165 4.14 -6.23 7.81
CA LYS A 165 5.50 -6.77 7.80
C LYS A 165 5.46 -8.29 7.66
N LEU A 166 6.17 -8.82 6.66
CA LEU A 166 6.17 -10.27 6.38
C LEU A 166 7.61 -10.80 6.43
N ARG A 167 7.83 -11.98 7.04
CA ARG A 167 9.14 -12.65 7.03
C ARG A 167 8.96 -14.15 6.74
N LEU A 168 9.73 -14.66 5.79
CA LEU A 168 9.88 -16.09 5.52
C LEU A 168 10.88 -16.65 6.54
N ILE A 169 10.42 -17.66 7.29
CA ILE A 169 11.16 -18.22 8.41
C ILE A 169 11.42 -19.71 8.15
N ASP A 170 12.05 -20.34 9.14
CA ASP A 170 12.36 -21.78 9.13
C ASP A 170 13.10 -22.29 7.91
N TRP A 171 14.39 -21.98 7.93
CA TRP A 171 15.32 -22.28 6.84
C TRP A 171 16.01 -23.61 7.09
N GLY A 172 15.45 -24.40 8.03
CA GLY A 172 16.03 -25.70 8.40
C GLY A 172 15.98 -26.79 7.33
N LEU A 173 15.10 -26.64 6.34
CA LEU A 173 15.03 -27.57 5.18
C LEU A 173 15.71 -26.99 3.92
N ALA A 174 16.15 -25.73 4.01
CA ALA A 174 16.77 -25.04 2.85
C ALA A 174 18.10 -25.67 2.38
N GLU A 175 18.42 -25.53 1.09
CA GLU A 175 19.62 -26.13 0.49
C GLU A 175 20.20 -25.25 -0.64
N PHE A 176 21.51 -25.40 -0.87
CA PHE A 176 22.21 -24.73 -2.00
C PHE A 176 21.88 -25.46 -3.29
N TYR A 177 21.58 -24.72 -4.34
CA TYR A 177 21.30 -25.32 -5.64
C TYR A 177 22.59 -25.48 -6.45
N HIS A 178 22.82 -26.71 -6.90
CA HIS A 178 23.95 -27.11 -7.73
C HIS A 178 23.42 -27.90 -8.94
N PRO A 179 23.70 -27.44 -10.18
CA PRO A 179 23.14 -28.10 -11.38
C PRO A 179 23.39 -29.60 -11.41
N GLY A 180 22.35 -30.35 -11.75
CA GLY A 180 22.36 -31.82 -11.86
C GLY A 180 22.40 -32.60 -10.55
N LYS A 181 22.51 -31.92 -9.41
CA LYS A 181 22.47 -32.59 -8.11
C LYS A 181 21.13 -33.25 -7.82
N GLU A 182 21.21 -34.49 -7.34
CA GLU A 182 20.01 -35.25 -6.97
C GLU A 182 19.72 -35.07 -5.49
N TYR A 183 18.67 -34.32 -5.20
CA TYR A 183 18.29 -33.97 -3.84
C TYR A 183 17.35 -34.98 -3.15
N ASN A 184 17.37 -34.93 -1.82
CA ASN A 184 16.37 -35.60 -0.97
C ASN A 184 14.96 -35.07 -1.36
N VAL A 185 14.00 -35.97 -1.61
CA VAL A 185 12.60 -35.57 -1.84
C VAL A 185 11.75 -35.46 -0.57
N ARG A 186 12.33 -35.84 0.58
CA ARG A 186 11.59 -35.71 1.85
C ARG A 186 11.79 -34.31 2.36
N VAL A 187 11.11 -33.38 1.69
CA VAL A 187 11.20 -31.96 2.00
C VAL A 187 9.78 -31.41 1.85
N ALA A 188 9.59 -30.16 2.30
CA ALA A 188 8.28 -29.50 2.30
C ALA A 188 7.27 -30.26 3.22
N SER A 189 6.04 -29.76 3.31
CA SER A 189 4.96 -30.36 4.09
C SER A 189 4.06 -31.03 3.06
N ARG A 190 3.48 -32.18 3.39
CA ARG A 190 2.64 -32.97 2.47
C ARG A 190 1.77 -32.12 1.49
N TYR A 191 0.98 -31.18 2.03
CA TYR A 191 -0.06 -30.51 1.21
C TYR A 191 0.57 -29.51 0.24
N PHE A 192 1.87 -29.24 0.45
CA PHE A 192 2.67 -28.27 -0.31
C PHE A 192 3.77 -28.93 -1.18
N LYS A 193 3.77 -30.26 -1.20
CA LYS A 193 4.82 -31.00 -1.97
C LYS A 193 4.52 -30.87 -3.47
N GLY A 194 5.53 -30.56 -4.25
CA GLY A 194 5.34 -30.45 -5.71
C GLY A 194 5.24 -31.84 -6.29
N PRO A 195 4.64 -31.96 -7.49
CA PRO A 195 4.65 -33.24 -8.22
C PRO A 195 6.04 -33.88 -8.30
N GLU A 196 7.11 -33.08 -8.43
CA GLU A 196 8.49 -33.64 -8.57
C GLU A 196 8.84 -34.49 -7.36
N LEU A 197 8.43 -34.06 -6.17
CA LEU A 197 8.69 -34.81 -4.92
C LEU A 197 7.84 -36.09 -4.83
N LEU A 198 6.65 -36.05 -5.42
CA LEU A 198 5.67 -37.11 -5.31
C LEU A 198 5.96 -38.25 -6.29
N VAL A 199 6.67 -37.94 -7.38
CA VAL A 199 7.05 -38.92 -8.42
C VAL A 199 8.57 -39.29 -8.36
N ASP A 200 9.26 -38.77 -7.33
CA ASP A 200 10.70 -38.94 -7.10
C ASP A 200 11.58 -38.44 -8.26
N LEU A 201 11.30 -37.22 -8.73
CA LEU A 201 12.20 -36.52 -9.65
C LEU A 201 13.19 -35.77 -8.73
N GLN A 202 14.40 -36.31 -8.60
CA GLN A 202 15.36 -35.80 -7.62
C GLN A 202 16.13 -34.55 -8.01
N ASP A 203 16.23 -34.27 -9.31
CA ASP A 203 17.02 -33.15 -9.77
C ASP A 203 16.15 -31.92 -10.05
N TYR A 204 15.43 -31.56 -9.00
CA TYR A 204 14.54 -30.39 -8.99
C TYR A 204 15.32 -29.10 -8.65
N ASP A 205 14.61 -27.98 -8.57
CA ASP A 205 15.30 -26.71 -8.41
C ASP A 205 14.40 -25.69 -7.64
N TYR A 206 14.72 -24.41 -7.78
CA TYR A 206 14.03 -23.29 -7.15
C TYR A 206 12.51 -23.32 -7.40
N SER A 207 12.14 -23.86 -8.56
CA SER A 207 10.76 -23.94 -9.01
C SER A 207 9.84 -24.76 -8.06
N LEU A 208 10.44 -25.63 -7.24
CA LEU A 208 9.71 -26.36 -6.17
C LEU A 208 8.97 -25.37 -5.25
N ASP A 209 9.66 -24.31 -4.83
CA ASP A 209 9.08 -23.23 -3.98
C ASP A 209 7.88 -22.55 -4.65
N MET A 210 7.90 -22.47 -6.00
CA MET A 210 6.78 -21.86 -6.77
C MET A 210 5.50 -22.75 -6.75
N TRP A 211 5.67 -24.07 -6.73
CA TRP A 211 4.51 -24.95 -6.57
C TRP A 211 3.91 -24.72 -5.18
N SER A 212 4.77 -24.69 -4.16
CA SER A 212 4.32 -24.52 -2.78
C SER A 212 3.59 -23.22 -2.64
N LEU A 213 4.20 -22.13 -3.14
CA LEU A 213 3.57 -20.83 -3.16
C LEU A 213 2.15 -20.93 -3.81
N GLY A 214 2.04 -21.61 -4.96
CA GLY A 214 0.75 -21.84 -5.61
C GLY A 214 -0.30 -22.49 -4.70
N CYS A 215 0.09 -23.52 -3.93
CA CYS A 215 -0.82 -24.20 -3.01
C CYS A 215 -1.35 -23.25 -1.96
N MET A 216 -0.42 -22.51 -1.36
CA MET A 216 -0.75 -21.47 -0.40
C MET A 216 -1.69 -20.43 -0.99
N PHE A 217 -1.38 -19.95 -2.20
CA PHE A 217 -2.19 -18.91 -2.88
C PHE A 217 -3.64 -19.39 -3.11
N ALA A 218 -3.79 -20.57 -3.73
CA ALA A 218 -5.08 -21.21 -3.92
C ALA A 218 -5.91 -21.30 -2.60
N GLY A 219 -5.30 -21.80 -1.53
CA GLY A 219 -5.92 -21.81 -0.17
C GLY A 219 -6.46 -20.45 0.30
N MET A 220 -5.67 -19.40 0.01
CA MET A 220 -6.03 -18.01 0.39
C MET A 220 -7.20 -17.45 -0.43
N ILE A 221 -7.16 -17.60 -1.76
CA ILE A 221 -8.20 -16.95 -2.58
C ILE A 221 -9.52 -17.73 -2.58
N PHE A 222 -9.43 -19.04 -2.44
CA PHE A 222 -10.61 -19.91 -2.39
C PHE A 222 -11.11 -20.29 -0.98
N ARG A 223 -10.27 -20.08 0.03
CA ARG A 223 -10.60 -20.43 1.42
C ARG A 223 -10.76 -21.94 1.59
N LYS A 224 -10.15 -22.68 0.67
CA LYS A 224 -10.04 -24.15 0.75
C LYS A 224 -8.60 -24.43 1.18
N GLU A 225 -8.45 -24.71 2.48
CA GLU A 225 -7.15 -24.90 3.17
C GLU A 225 -7.14 -26.15 4.04
N PRO A 226 -6.19 -27.05 3.75
CA PRO A 226 -5.24 -27.00 2.65
C PRO A 226 -5.97 -27.26 1.34
N PHE A 227 -5.44 -26.74 0.25
CA PHE A 227 -6.10 -26.80 -1.04
C PHE A 227 -6.08 -28.20 -1.66
N PHE A 228 -4.90 -28.85 -1.60
CA PHE A 228 -4.74 -30.23 -1.99
C PHE A 228 -4.55 -31.06 -0.71
N TYR A 229 -5.63 -31.70 -0.29
CA TYR A 229 -5.73 -32.29 1.03
C TYR A 229 -5.59 -33.83 1.01
N GLY A 230 -4.37 -34.30 0.76
CA GLY A 230 -4.09 -35.73 0.62
C GLY A 230 -3.93 -36.39 1.97
N HIS A 231 -4.32 -37.68 2.06
CA HIS A 231 -4.16 -38.39 3.34
C HIS A 231 -2.79 -39.07 3.57
N ASP A 232 -1.98 -39.14 2.50
CA ASP A 232 -0.63 -39.75 2.49
C ASP A 232 0.00 -39.22 1.19
N ASN A 233 1.28 -39.53 0.94
CA ASN A 233 1.98 -38.99 -0.23
C ASN A 233 1.41 -39.49 -1.55
N HIS A 234 0.85 -40.69 -1.53
CA HIS A 234 0.21 -41.26 -2.73
C HIS A 234 -1.09 -40.53 -3.02
N ASP A 235 -1.95 -40.42 -2.00
CA ASP A 235 -3.22 -39.71 -2.16
C ASP A 235 -3.01 -38.20 -2.50
N GLN A 236 -1.89 -37.61 -2.07
CA GLN A 236 -1.56 -36.22 -2.39
C GLN A 236 -1.51 -36.04 -3.90
N LEU A 237 -0.80 -36.95 -4.60
CA LEU A 237 -0.75 -36.89 -6.07
C LEU A 237 -2.15 -37.09 -6.71
N VAL A 238 -2.98 -37.95 -6.10
CA VAL A 238 -4.34 -38.18 -6.55
C VAL A 238 -5.17 -36.90 -6.48
N LYS A 239 -5.12 -36.24 -5.32
CA LYS A 239 -5.85 -34.99 -5.17
C LYS A 239 -5.46 -33.90 -6.20
N ILE A 240 -4.17 -33.80 -6.51
CA ILE A 240 -3.63 -32.86 -7.54
C ILE A 240 -4.18 -33.31 -8.89
N ALA A 241 -4.05 -34.59 -9.21
CA ALA A 241 -4.59 -35.14 -10.47
C ALA A 241 -6.09 -34.92 -10.73
N LYS A 242 -6.90 -34.89 -9.66
CA LYS A 242 -8.35 -34.70 -9.80
C LYS A 242 -8.71 -33.26 -10.19
N VAL A 243 -7.72 -32.37 -10.04
CA VAL A 243 -7.88 -30.97 -10.42
C VAL A 243 -7.18 -30.59 -11.76
N LEU A 244 -5.87 -30.84 -11.83
CA LEU A 244 -5.15 -30.54 -13.07
C LEU A 244 -5.40 -31.53 -14.18
N GLY A 245 -5.88 -32.73 -13.84
CA GLY A 245 -6.18 -33.68 -14.89
C GLY A 245 -4.96 -34.55 -15.15
N THR A 246 -5.24 -35.77 -15.60
CA THR A 246 -4.18 -36.72 -15.80
C THR A 246 -3.50 -36.61 -17.15
N ASP A 247 -4.12 -35.96 -18.15
CA ASP A 247 -3.41 -35.74 -19.43
C ASP A 247 -2.04 -35.06 -19.22
N GLY A 248 -2.05 -33.94 -18.51
CA GLY A 248 -0.82 -33.19 -18.23
C GLY A 248 0.15 -34.00 -17.38
N LEU A 249 -0.38 -34.83 -16.49
CA LEU A 249 0.48 -35.68 -15.67
C LEU A 249 1.18 -36.73 -16.51
N ASN A 250 0.47 -37.31 -17.49
CA ASN A 250 1.09 -38.34 -18.31
C ASN A 250 2.16 -37.76 -19.21
N VAL A 251 1.95 -36.56 -19.76
CA VAL A 251 2.92 -35.88 -20.59
C VAL A 251 4.18 -35.59 -19.74
N TYR A 252 3.98 -35.08 -18.53
CA TYR A 252 5.09 -34.81 -17.56
C TYR A 252 5.96 -36.04 -17.28
N LEU A 253 5.30 -37.16 -16.95
CA LEU A 253 5.98 -38.45 -16.67
C LEU A 253 6.80 -38.92 -17.87
N ASN A 254 6.18 -38.92 -19.06
CA ASN A 254 6.87 -39.27 -20.30
C ASN A 254 8.09 -38.37 -20.57
N LYS A 255 7.91 -37.05 -20.43
CA LYS A 255 9.00 -36.11 -20.69
C LYS A 255 10.22 -36.44 -19.85
N TYR A 256 10.03 -36.57 -18.53
CA TYR A 256 11.17 -36.82 -17.64
C TYR A 256 11.52 -38.32 -17.47
N ARG A 257 10.89 -39.19 -18.26
CA ARG A 257 11.17 -40.61 -18.32
C ARG A 257 10.96 -41.26 -16.95
N ILE A 258 9.83 -40.93 -16.33
CA ILE A 258 9.40 -41.42 -15.02
C ILE A 258 8.25 -42.39 -15.24
N GLU A 259 8.30 -43.52 -14.55
CA GLU A 259 7.17 -44.42 -14.53
C GLU A 259 6.78 -44.63 -13.09
N LEU A 260 5.54 -44.31 -12.77
CA LEU A 260 5.02 -44.51 -11.41
C LEU A 260 4.99 -46.00 -11.08
N ASP A 261 5.28 -46.30 -9.82
CA ASP A 261 4.96 -47.61 -9.22
C ASP A 261 3.51 -47.91 -9.57
N PRO A 262 3.25 -49.13 -10.12
CA PRO A 262 1.95 -49.52 -10.68
C PRO A 262 0.78 -49.28 -9.73
N GLN A 263 1.02 -49.45 -8.43
CA GLN A 263 0.06 -49.21 -7.36
C GLN A 263 -0.40 -47.73 -7.38
N LEU A 264 0.56 -46.82 -7.44
CA LEU A 264 0.28 -45.38 -7.51
C LEU A 264 -0.39 -44.99 -8.84
N GLU A 265 0.03 -45.64 -9.93
CA GLU A 265 -0.63 -45.41 -11.23
C GLU A 265 -2.13 -45.75 -11.16
N ALA A 266 -2.47 -46.90 -10.58
CA ALA A 266 -3.85 -47.34 -10.43
C ALA A 266 -4.64 -46.38 -9.53
N LEU A 267 -3.99 -45.91 -8.46
CA LEU A 267 -4.64 -45.00 -7.52
C LEU A 267 -5.01 -43.67 -8.22
N VAL A 268 -4.07 -43.13 -9.01
CA VAL A 268 -4.28 -41.87 -9.75
C VAL A 268 -5.43 -41.97 -10.80
N GLY A 269 -5.49 -43.07 -11.54
CA GLY A 269 -6.59 -43.30 -12.49
C GLY A 269 -6.58 -42.37 -13.70
N ARG A 270 -7.76 -41.92 -14.13
CA ARG A 270 -7.91 -41.02 -15.27
C ARG A 270 -8.93 -39.97 -14.90
N HIS A 271 -8.56 -38.68 -15.09
CA HIS A 271 -9.42 -37.53 -14.80
C HIS A 271 -9.29 -36.36 -15.75
N SER A 272 -10.40 -35.68 -15.96
CA SER A 272 -10.42 -34.43 -16.70
C SER A 272 -9.97 -33.29 -15.81
N ARG A 273 -9.36 -32.30 -16.46
CA ARG A 273 -9.05 -31.02 -15.84
C ARG A 273 -10.32 -30.30 -15.30
N LYS A 274 -10.26 -29.85 -14.05
CA LYS A 274 -11.34 -29.10 -13.43
C LYS A 274 -11.02 -27.60 -13.58
N PRO A 275 -11.93 -26.84 -14.18
CA PRO A 275 -11.66 -25.41 -14.31
C PRO A 275 -11.55 -24.73 -12.91
N TRP A 276 -10.57 -23.84 -12.77
CA TRP A 276 -10.36 -23.06 -11.54
C TRP A 276 -11.61 -22.36 -11.01
N LEU A 277 -12.43 -21.78 -11.90
CA LEU A 277 -13.69 -21.14 -11.52
C LEU A 277 -14.68 -22.01 -10.71
N LYS A 278 -14.56 -23.34 -10.84
CA LYS A 278 -15.42 -24.24 -10.06
C LYS A 278 -15.15 -24.12 -8.55
N PHE A 279 -14.02 -23.50 -8.19
CA PHE A 279 -13.72 -23.29 -6.76
C PHE A 279 -14.29 -22.01 -6.15
N MET A 280 -14.76 -21.13 -7.02
CA MET A 280 -15.33 -19.87 -6.60
C MET A 280 -16.75 -20.07 -6.04
N ASN A 281 -17.08 -19.33 -5.00
CA ASN A 281 -18.43 -19.43 -4.40
C ASN A 281 -18.77 -18.11 -3.74
N ALA A 282 -19.95 -18.00 -3.14
CA ALA A 282 -20.39 -16.71 -2.60
C ALA A 282 -19.52 -16.23 -1.45
N ASP A 283 -18.98 -17.15 -0.66
CA ASP A 283 -18.10 -16.78 0.45
C ASP A 283 -16.73 -16.20 0.03
N ASN A 284 -16.14 -16.71 -1.05
CA ASN A 284 -14.81 -16.27 -1.50
C ASN A 284 -14.76 -15.38 -2.76
N GLN A 285 -15.90 -15.11 -3.38
CA GLN A 285 -15.88 -14.40 -4.66
C GLN A 285 -15.23 -13.01 -4.65
N HIS A 286 -15.30 -12.30 -3.52
CA HIS A 286 -14.59 -10.99 -3.39
C HIS A 286 -13.03 -11.07 -3.46
N LEU A 287 -12.48 -12.27 -3.35
CA LEU A 287 -11.02 -12.51 -3.45
C LEU A 287 -10.58 -13.07 -4.80
N VAL A 288 -11.58 -13.39 -5.65
CA VAL A 288 -11.34 -14.08 -6.90
C VAL A 288 -11.54 -13.16 -8.10
N SER A 289 -10.59 -13.18 -9.02
CA SER A 289 -10.66 -12.35 -10.19
C SER A 289 -10.04 -13.12 -11.33
N PRO A 290 -10.28 -12.67 -12.58
CA PRO A 290 -9.59 -13.34 -13.70
C PRO A 290 -8.06 -13.29 -13.61
N GLU A 291 -7.49 -12.17 -13.15
CA GLU A 291 -6.02 -12.13 -12.93
C GLU A 291 -5.52 -13.07 -11.82
N ALA A 292 -6.29 -13.21 -10.72
CA ALA A 292 -5.89 -14.19 -9.64
C ALA A 292 -5.83 -15.61 -10.19
N ILE A 293 -6.90 -16.04 -10.86
CA ILE A 293 -6.98 -17.36 -11.52
C ILE A 293 -5.83 -17.58 -12.51
N ASP A 294 -5.58 -16.60 -13.38
CA ASP A 294 -4.50 -16.73 -14.38
C ASP A 294 -3.08 -16.85 -13.72
N PHE A 295 -2.88 -16.10 -12.62
CA PHE A 295 -1.67 -16.18 -11.82
C PHE A 295 -1.58 -17.58 -11.22
N LEU A 296 -2.66 -18.06 -10.60
CA LEU A 296 -2.66 -19.41 -9.99
C LEU A 296 -2.28 -20.49 -11.02
N ASP A 297 -2.92 -20.36 -12.18
CA ASP A 297 -2.78 -21.33 -13.26
C ASP A 297 -1.33 -21.42 -13.77
N LYS A 298 -0.59 -20.31 -13.69
CA LYS A 298 0.78 -20.21 -14.17
C LYS A 298 1.81 -20.69 -13.11
N LEU A 299 1.34 -20.90 -11.88
CA LEU A 299 2.17 -21.51 -10.82
C LEU A 299 1.94 -23.02 -10.69
N LEU A 300 0.70 -23.46 -10.75
CA LEU A 300 0.37 -24.88 -10.51
C LEU A 300 0.45 -25.64 -11.85
N ARG A 301 1.69 -25.86 -12.32
CA ARG A 301 1.95 -26.71 -13.49
C ARG A 301 2.74 -27.96 -13.03
N TYR A 302 2.39 -29.14 -13.56
CA TYR A 302 3.14 -30.37 -13.25
C TYR A 302 4.64 -30.15 -13.52
N ASP A 303 4.93 -29.65 -14.74
CA ASP A 303 6.27 -29.47 -15.25
C ASP A 303 6.92 -28.25 -14.58
N HIS A 304 7.87 -28.50 -13.69
CA HIS A 304 8.50 -27.43 -12.92
C HIS A 304 9.15 -26.38 -13.84
N GLN A 305 9.60 -26.82 -15.03
CA GLN A 305 10.17 -25.91 -16.02
C GLN A 305 9.17 -24.90 -16.60
N GLU A 306 7.88 -25.21 -16.50
CA GLU A 306 6.79 -24.36 -17.02
C GLU A 306 6.31 -23.33 -16.03
N ARG A 307 6.60 -23.52 -14.74
CA ARG A 307 6.10 -22.55 -13.72
C ARG A 307 6.73 -21.16 -13.83
N LEU A 308 5.98 -20.10 -13.46
CA LEU A 308 6.59 -18.75 -13.28
C LEU A 308 7.80 -18.83 -12.32
N THR A 309 8.89 -18.13 -12.66
CA THR A 309 9.96 -17.82 -11.72
C THR A 309 9.41 -16.75 -10.77
N ALA A 310 10.04 -16.58 -9.61
CA ALA A 310 9.56 -15.57 -8.65
C ALA A 310 9.60 -14.16 -9.30
N LEU A 311 10.68 -13.88 -10.05
CA LEU A 311 10.84 -12.58 -10.73
C LEU A 311 9.71 -12.33 -11.75
N GLU A 312 9.47 -13.34 -12.60
CA GLU A 312 8.39 -13.30 -13.60
C GLU A 312 7.05 -13.08 -12.93
N ALA A 313 6.84 -13.77 -11.80
CA ALA A 313 5.58 -13.74 -11.04
C ALA A 313 5.28 -12.31 -10.62
N MET A 314 6.30 -11.59 -10.21
CA MET A 314 6.16 -10.22 -9.71
C MET A 314 5.70 -9.24 -10.80
N THR A 315 5.88 -9.63 -12.07
CA THR A 315 5.43 -8.82 -13.23
C THR A 315 3.95 -9.11 -13.59
N HIS A 316 3.31 -10.08 -12.92
CA HIS A 316 1.94 -10.49 -13.33
C HIS A 316 0.92 -9.37 -13.09
N PRO A 317 -0.08 -9.20 -14.01
CA PRO A 317 -1.06 -8.12 -13.78
C PRO A 317 -1.81 -8.16 -12.42
N TYR A 318 -1.95 -9.34 -11.80
CA TYR A 318 -2.54 -9.46 -10.47
C TYR A 318 -1.88 -8.49 -9.41
N PHE A 319 -0.60 -8.21 -9.58
CA PHE A 319 0.19 -7.29 -8.70
C PHE A 319 0.22 -5.81 -9.16
N GLN A 320 -0.56 -5.46 -10.19
CA GLN A 320 -0.40 -4.11 -10.77
C GLN A 320 -0.67 -2.97 -9.78
N GLN A 321 -1.71 -3.09 -8.94
CA GLN A 321 -1.97 -2.02 -7.94
C GLN A 321 -0.87 -1.97 -6.85
N VAL A 322 -0.39 -3.14 -6.46
CA VAL A 322 0.70 -3.17 -5.45
C VAL A 322 1.95 -2.43 -5.99
N ARG A 323 2.38 -2.79 -7.22
CA ARG A 323 3.50 -2.09 -7.90
C ARG A 323 3.28 -0.60 -8.07
N ALA A 324 2.04 -0.23 -8.38
CA ALA A 324 1.68 1.20 -8.49
C ALA A 324 1.88 2.03 -7.25
N ALA A 325 1.57 1.49 -6.08
CA ALA A 325 1.78 2.14 -4.79
C ALA A 325 3.27 2.23 -4.39
N GLU A 326 4.09 1.28 -4.85
CA GLU A 326 5.54 1.29 -4.55
C GLU A 326 6.26 2.29 -5.41
N ASN A 327 5.65 3.43 -5.65
CA ASN A 327 6.16 4.35 -6.60
C ASN A 327 6.46 5.63 -5.86
N SER A 328 7.37 6.45 -6.39
CA SER A 328 7.45 7.80 -5.88
C SER A 328 6.16 8.57 -6.22
N SER B 2 -4.83 37.04 14.49
CA SER B 2 -4.44 35.59 14.25
C SER B 2 -3.28 35.44 13.22
N LYS B 3 -2.38 34.49 13.53
CA LYS B 3 -1.27 34.15 12.63
C LYS B 3 -1.13 32.62 12.52
N ALA B 4 -0.67 32.15 11.37
CA ALA B 4 -0.39 30.76 11.12
C ALA B 4 0.61 30.15 12.15
N ARG B 5 0.28 28.98 12.69
CA ARG B 5 1.14 28.36 13.70
C ARG B 5 2.29 27.53 13.06
N VAL B 6 2.27 27.39 11.73
CA VAL B 6 3.36 26.81 10.96
C VAL B 6 3.56 27.67 9.72
N TYR B 7 4.79 27.70 9.20
CA TYR B 7 5.10 28.31 7.87
C TYR B 7 4.72 29.79 7.75
N ALA B 8 4.65 30.47 8.88
CA ALA B 8 4.12 31.83 8.93
C ALA B 8 5.01 32.76 8.12
N ASP B 9 6.34 32.57 8.23
CA ASP B 9 7.31 33.50 7.63
C ASP B 9 7.95 33.07 6.30
N VAL B 10 7.44 31.99 5.67
CA VAL B 10 7.98 31.49 4.39
C VAL B 10 8.11 32.62 3.31
N ASN B 11 7.05 33.38 3.10
CA ASN B 11 7.08 34.37 2.00
C ASN B 11 8.00 35.59 2.25
N VAL B 12 8.12 36.06 3.50
CA VAL B 12 9.06 37.15 3.83
C VAL B 12 10.53 36.74 3.54
N LEU B 13 10.88 35.52 3.87
CA LEU B 13 12.24 35.06 3.71
C LEU B 13 12.61 34.71 2.23
N ARG B 14 11.61 34.49 1.36
CA ARG B 14 11.89 34.21 -0.07
C ARG B 14 12.20 35.53 -0.81
N PRO B 15 12.81 35.43 -2.01
CA PRO B 15 12.98 36.65 -2.79
C PRO B 15 11.62 37.20 -3.21
N LYS B 16 11.51 38.53 -3.25
CA LYS B 16 10.25 39.21 -3.60
C LYS B 16 9.55 38.58 -4.79
N GLU B 17 10.33 38.21 -5.82
CA GLU B 17 9.74 37.75 -7.08
C GLU B 17 9.01 36.43 -6.87
N TYR B 18 9.34 35.72 -5.78
CA TYR B 18 8.65 34.45 -5.46
C TYR B 18 7.14 34.68 -5.30
N TRP B 19 6.79 35.75 -4.57
CA TRP B 19 5.39 35.97 -4.17
C TRP B 19 4.74 37.17 -4.85
N ASP B 20 5.56 38.00 -5.47
CA ASP B 20 5.06 39.18 -6.20
C ASP B 20 4.63 38.77 -7.62
N TYR B 21 3.51 38.04 -7.71
CA TYR B 21 2.92 37.54 -8.98
C TYR B 21 2.55 38.61 -10.03
N GLU B 22 2.26 39.83 -9.56
CA GLU B 22 1.90 40.99 -10.40
C GLU B 22 3.04 41.30 -11.35
N ALA B 23 4.24 41.00 -10.87
CA ALA B 23 5.49 41.23 -11.61
C ALA B 23 5.86 40.16 -12.67
N LEU B 24 5.11 39.06 -12.71
CA LEU B 24 5.35 38.01 -13.68
C LEU B 24 5.13 38.54 -15.11
N THR B 25 6.09 38.31 -15.99
CA THR B 25 5.80 38.37 -17.41
C THR B 25 5.80 36.91 -17.88
N VAL B 26 4.62 36.50 -18.37
CA VAL B 26 4.33 35.14 -18.85
C VAL B 26 5.21 34.86 -20.08
N GLN B 27 5.83 33.68 -20.12
CA GLN B 27 6.72 33.27 -21.18
C GLN B 27 5.89 32.21 -21.91
N TRP B 28 5.30 32.65 -23.03
CA TRP B 28 4.33 31.84 -23.77
C TRP B 28 5.02 30.74 -24.60
N GLY B 29 4.51 29.49 -24.49
CA GLY B 29 5.01 28.34 -25.24
C GLY B 29 4.45 28.27 -26.66
N GLU B 30 4.58 27.12 -27.30
CA GLU B 30 4.12 26.98 -28.65
C GLU B 30 2.68 26.49 -28.68
N GLN B 31 1.77 27.40 -29.00
CA GLN B 31 0.34 27.03 -29.06
C GLN B 31 0.06 25.89 -30.03
N ASP B 32 0.78 25.85 -31.15
CA ASP B 32 0.55 24.81 -32.16
C ASP B 32 0.97 23.40 -31.73
N ASP B 33 1.69 23.29 -30.60
CA ASP B 33 2.09 22.01 -30.05
C ASP B 33 0.94 21.17 -29.49
N TYR B 34 -0.21 21.81 -29.19
CA TYR B 34 -1.31 21.20 -28.45
C TYR B 34 -2.65 21.44 -29.13
N GLU B 35 -3.50 20.40 -29.15
CA GLU B 35 -4.84 20.43 -29.79
C GLU B 35 -5.93 19.93 -28.84
N VAL B 36 -7.06 20.60 -28.83
CA VAL B 36 -8.21 20.18 -28.09
C VAL B 36 -8.85 18.97 -28.78
N VAL B 37 -9.19 17.96 -27.98
CA VAL B 37 -9.82 16.69 -28.45
C VAL B 37 -11.34 16.55 -28.10
N ARG B 38 -11.68 16.61 -26.80
CA ARG B 38 -13.11 16.58 -26.34
C ARG B 38 -13.31 17.35 -25.05
N LYS B 39 -14.52 17.89 -24.85
CA LYS B 39 -14.90 18.68 -23.67
C LYS B 39 -14.98 17.79 -22.46
N VAL B 40 -14.35 18.23 -21.37
CA VAL B 40 -14.66 17.70 -20.04
C VAL B 40 -15.18 18.90 -19.18
N GLY B 41 -15.58 19.97 -19.90
CA GLY B 41 -16.08 21.32 -19.46
C GLY B 41 -16.05 21.70 -17.97
N ARG B 42 -16.67 22.81 -17.53
CA ARG B 42 -16.88 24.06 -18.25
C ARG B 42 -16.92 25.16 -17.15
N GLY B 43 -16.72 26.43 -17.54
CA GLY B 43 -16.34 27.52 -16.59
C GLY B 43 -17.45 28.23 -15.81
N LYS B 44 -17.35 29.54 -15.56
CA LYS B 44 -17.07 30.51 -16.61
C LYS B 44 -15.90 31.44 -16.45
N TYR B 45 -14.92 30.94 -15.71
CA TYR B 45 -13.52 31.31 -15.83
C TYR B 45 -12.67 30.18 -16.49
N SER B 46 -13.31 29.16 -17.09
CA SER B 46 -12.70 27.93 -17.71
C SER B 46 -13.62 27.64 -18.93
N GLU B 47 -13.33 26.83 -19.98
CA GLU B 47 -13.53 25.35 -20.18
C GLU B 47 -12.37 24.36 -20.19
N VAL B 48 -12.68 23.10 -19.84
CA VAL B 48 -11.67 22.01 -19.79
C VAL B 48 -11.84 20.88 -20.83
N PHE B 49 -10.72 20.50 -21.45
CA PHE B 49 -10.69 19.53 -22.54
C PHE B 49 -9.60 18.52 -22.31
N GLU B 50 -9.86 17.27 -22.67
CA GLU B 50 -8.74 16.38 -23.00
C GLU B 50 -8.12 16.95 -24.27
N GLY B 51 -6.79 16.94 -24.32
CA GLY B 51 -6.06 17.40 -25.48
C GLY B 51 -4.95 16.44 -25.84
N ILE B 52 -4.26 16.74 -26.92
CA ILE B 52 -3.13 15.96 -27.37
C ILE B 52 -1.96 16.89 -27.64
N ASN B 53 -0.76 16.41 -27.32
CA ASN B 53 0.47 17.02 -27.83
C ASN B 53 0.75 16.45 -29.21
N VAL B 54 0.66 17.30 -30.22
CA VAL B 54 0.73 16.89 -31.62
C VAL B 54 2.12 16.41 -32.06
N ASN B 55 3.14 16.63 -31.22
CA ASN B 55 4.49 16.12 -31.48
C ASN B 55 4.70 14.66 -31.07
N ASN B 56 4.34 14.32 -29.83
CA ASN B 56 4.59 12.97 -29.28
C ASN B 56 3.32 12.16 -29.01
N ASN B 57 2.17 12.73 -29.37
CA ASN B 57 0.88 12.06 -29.27
C ASN B 57 0.47 11.74 -27.83
N GLU B 58 1.13 12.38 -26.88
CA GLU B 58 0.82 12.25 -25.45
C GLU B 58 -0.40 13.07 -25.09
N LYS B 59 -1.25 12.49 -24.23
CA LYS B 59 -2.43 13.12 -23.69
C LYS B 59 -2.03 14.27 -22.78
N CYS B 60 -2.83 15.31 -22.77
CA CYS B 60 -2.73 16.35 -21.75
C CYS B 60 -4.14 16.80 -21.45
N ILE B 61 -4.26 17.72 -20.49
CA ILE B 61 -5.47 18.41 -20.22
C ILE B 61 -5.21 19.87 -20.59
N ILE B 62 -6.16 20.47 -21.30
CA ILE B 62 -6.05 21.84 -21.74
C ILE B 62 -7.16 22.64 -21.08
N LYS B 63 -6.77 23.61 -20.29
CA LYS B 63 -7.77 24.49 -19.72
C LYS B 63 -7.72 25.87 -20.41
N ILE B 64 -8.79 26.19 -21.14
CA ILE B 64 -8.91 27.46 -21.90
C ILE B 64 -9.53 28.52 -20.99
N LEU B 65 -8.76 29.57 -20.64
CA LEU B 65 -9.17 30.62 -19.68
C LEU B 65 -9.89 31.81 -20.29
N LYS B 66 -11.22 31.76 -20.13
CA LYS B 66 -12.18 32.84 -20.40
C LYS B 66 -11.60 34.19 -20.07
N PRO B 67 -11.87 35.23 -20.87
CA PRO B 67 -11.04 36.45 -20.76
C PRO B 67 -11.45 37.26 -19.52
N VAL B 68 -10.54 37.92 -18.79
CA VAL B 68 -9.91 37.33 -17.61
C VAL B 68 -8.79 38.21 -17.20
N LYS B 69 -8.44 38.21 -15.91
CA LYS B 69 -8.51 39.40 -15.10
C LYS B 69 -7.01 39.06 -15.16
N LYS B 70 -6.18 39.93 -15.73
CA LYS B 70 -4.74 39.63 -15.90
C LYS B 70 -4.09 39.20 -14.57
N LYS B 71 -4.59 39.77 -13.47
CA LYS B 71 -4.03 39.54 -12.15
C LYS B 71 -4.31 38.10 -11.65
N LYS B 72 -5.50 37.59 -11.93
CA LYS B 72 -5.88 36.25 -11.50
C LYS B 72 -5.09 35.18 -12.25
N ILE B 73 -4.89 35.36 -13.57
CA ILE B 73 -4.08 34.41 -14.35
C ILE B 73 -2.60 34.36 -13.91
N LYS B 74 -1.98 35.52 -13.63
CA LYS B 74 -0.60 35.54 -13.19
C LYS B 74 -0.45 34.88 -11.82
N ARG B 75 -1.45 35.08 -10.94
CA ARG B 75 -1.43 34.47 -9.58
C ARG B 75 -1.38 32.97 -9.71
N GLU B 76 -2.34 32.40 -10.47
CA GLU B 76 -2.44 30.96 -10.72
C GLU B 76 -1.16 30.40 -11.33
N ILE B 77 -0.64 31.06 -12.38
CA ILE B 77 0.58 30.62 -12.99
C ILE B 77 1.78 30.67 -12.01
N LYS B 78 1.97 31.78 -11.29
CA LYS B 78 3.11 31.87 -10.35
C LYS B 78 3.05 30.73 -9.34
N ILE B 79 1.84 30.48 -8.83
CA ILE B 79 1.63 29.41 -7.83
C ILE B 79 1.95 28.07 -8.43
N LEU B 80 1.38 27.75 -9.59
CA LEU B 80 1.69 26.50 -10.28
C LEU B 80 3.20 26.29 -10.53
N GLN B 81 3.86 27.30 -11.10
CA GLN B 81 5.34 27.30 -11.23
C GLN B 81 6.10 27.09 -9.91
N ASN B 82 5.71 27.79 -8.86
CA ASN B 82 6.36 27.66 -7.55
C ASN B 82 6.18 26.28 -6.91
N LEU B 83 5.10 25.59 -7.21
CA LEU B 83 4.84 24.24 -6.65
C LEU B 83 5.22 23.08 -7.59
N CYS B 84 5.69 23.38 -8.81
CA CYS B 84 5.89 22.28 -9.82
C CYS B 84 6.88 21.23 -9.31
N GLY B 85 6.60 19.96 -9.56
CA GLY B 85 7.42 18.92 -8.94
C GLY B 85 7.14 18.54 -7.49
N GLY B 86 6.28 19.30 -6.80
CA GLY B 86 5.88 18.92 -5.42
C GLY B 86 5.03 17.64 -5.45
N PRO B 87 5.02 16.84 -4.34
CA PRO B 87 4.27 15.57 -4.39
C PRO B 87 2.76 15.80 -4.59
N ASN B 88 2.23 15.08 -5.57
CA ASN B 88 0.82 15.01 -5.83
C ASN B 88 0.16 16.38 -6.14
N ILE B 89 0.97 17.33 -6.61
CA ILE B 89 0.53 18.64 -7.10
C ILE B 89 0.43 18.51 -8.61
N VAL B 90 -0.71 18.87 -9.19
CA VAL B 90 -0.84 18.77 -10.64
C VAL B 90 0.32 19.55 -11.34
N LYS B 91 0.87 18.96 -12.40
CA LYS B 91 2.01 19.52 -13.13
C LYS B 91 1.56 20.41 -14.29
N LEU B 92 1.95 21.68 -14.24
CA LEU B 92 1.73 22.62 -15.36
C LEU B 92 2.85 22.44 -16.40
N LEU B 93 2.49 21.87 -17.55
CA LEU B 93 3.43 21.50 -18.57
C LEU B 93 3.82 22.71 -19.45
N ASP B 94 2.83 23.55 -19.74
CA ASP B 94 3.06 24.72 -20.60
C ASP B 94 1.96 25.78 -20.44
N ILE B 95 2.24 26.99 -20.91
CA ILE B 95 1.28 28.09 -20.88
C ILE B 95 1.31 28.65 -22.29
N VAL B 96 0.16 28.61 -22.97
CA VAL B 96 0.14 29.02 -24.41
C VAL B 96 -1.08 29.90 -24.67
N ARG B 97 -1.09 30.55 -25.84
CA ARG B 97 -2.26 31.38 -26.22
C ARG B 97 -2.39 31.49 -27.73
N ASP B 98 -3.63 31.73 -28.16
CA ASP B 98 -3.96 32.04 -29.57
C ASP B 98 -3.23 33.39 -30.02
N GLN B 99 -2.40 33.30 -31.06
CA GLN B 99 -1.59 34.41 -31.61
C GLN B 99 -2.48 35.65 -31.95
N HIS B 100 -3.74 35.37 -32.28
CA HIS B 100 -4.66 36.43 -32.76
C HIS B 100 -5.63 36.97 -31.72
N SER B 101 -6.26 36.04 -30.98
CA SER B 101 -7.16 36.40 -29.89
C SER B 101 -6.48 36.68 -28.54
N LYS B 102 -5.33 36.03 -28.28
CA LYS B 102 -4.56 36.14 -27.02
C LYS B 102 -5.25 35.41 -25.87
N THR B 103 -6.33 34.70 -26.18
CA THR B 103 -7.00 33.79 -25.23
C THR B 103 -5.99 32.72 -24.76
N PRO B 104 -5.70 32.68 -23.44
CA PRO B 104 -4.69 31.79 -22.85
C PRO B 104 -5.24 30.39 -22.57
N SER B 105 -4.41 29.38 -22.76
CA SER B 105 -4.73 28.01 -22.34
C SER B 105 -3.58 27.49 -21.43
N LEU B 106 -3.97 26.92 -20.28
CA LEU B 106 -3.04 26.24 -19.36
C LEU B 106 -2.95 24.75 -19.77
N ILE B 107 -1.75 24.20 -19.90
CA ILE B 107 -1.57 22.80 -20.30
C ILE B 107 -1.02 21.97 -19.14
N PHE B 108 -1.76 20.92 -18.77
CA PHE B 108 -1.43 20.11 -17.58
C PHE B 108 -1.23 18.65 -17.98
N GLU B 109 -0.44 17.92 -17.19
CA GLU B 109 -0.41 16.46 -17.28
C GLU B 109 -1.81 15.83 -17.27
N TYR B 110 -2.02 14.77 -18.07
CA TYR B 110 -3.28 14.05 -18.10
C TYR B 110 -3.34 13.12 -16.87
N VAL B 111 -4.48 13.13 -16.20
CA VAL B 111 -4.80 12.09 -15.18
C VAL B 111 -6.10 11.40 -15.62
N ASN B 112 -6.10 10.07 -15.61
CA ASN B 112 -7.27 9.27 -15.97
C ASN B 112 -8.28 9.15 -14.81
N ASN B 113 -8.91 10.28 -14.48
CA ASN B 113 -9.82 10.41 -13.37
C ASN B 113 -11.17 9.66 -13.52
N THR B 114 -11.70 9.15 -12.41
CA THR B 114 -13.10 8.70 -12.33
C THR B 114 -13.83 9.59 -11.35
N ASP B 115 -14.93 10.17 -11.84
CA ASP B 115 -15.86 11.02 -11.05
C ASP B 115 -16.03 10.43 -9.67
N PHE B 116 -15.84 11.27 -8.63
CA PHE B 116 -15.96 10.79 -7.24
C PHE B 116 -17.29 10.15 -6.90
N LYS B 117 -18.36 10.60 -7.57
CA LYS B 117 -19.68 9.96 -7.40
C LYS B 117 -19.75 8.44 -7.78
N VAL B 118 -18.91 8.03 -8.73
CA VAL B 118 -18.79 6.63 -9.15
C VAL B 118 -17.65 5.97 -8.38
N LEU B 119 -16.52 6.67 -8.22
CA LEU B 119 -15.31 6.10 -7.59
C LEU B 119 -15.45 5.80 -6.09
N TYR B 120 -15.85 6.80 -5.34
CA TYR B 120 -15.84 6.66 -3.87
C TYR B 120 -16.63 5.42 -3.31
N PRO B 121 -17.85 5.13 -3.84
CA PRO B 121 -18.59 3.90 -3.43
C PRO B 121 -17.81 2.56 -3.59
N THR B 122 -16.83 2.54 -4.49
CA THR B 122 -15.98 1.37 -4.71
C THR B 122 -14.73 1.33 -3.77
N LEU B 123 -14.43 2.44 -3.08
CA LEU B 123 -13.24 2.49 -2.23
C LEU B 123 -13.38 1.68 -0.92
N THR B 124 -12.35 0.90 -0.59
CA THR B 124 -12.30 0.16 0.66
C THR B 124 -11.79 1.06 1.79
N ASP B 125 -11.85 0.56 3.03
CA ASP B 125 -11.24 1.25 4.16
C ASP B 125 -9.75 1.63 3.87
N TYR B 126 -8.92 0.67 3.40
CA TYR B 126 -7.52 0.95 3.04
C TYR B 126 -7.36 2.04 1.96
N ASP B 127 -8.21 1.98 0.92
CA ASP B 127 -8.21 2.95 -0.18
C ASP B 127 -8.38 4.38 0.32
N ILE B 128 -9.35 4.62 1.19
CA ILE B 128 -9.57 5.97 1.83
C ILE B 128 -8.32 6.47 2.59
N ARG B 129 -7.79 5.63 3.50
CA ARG B 129 -6.54 5.88 4.21
C ARG B 129 -5.41 6.27 3.25
N TYR B 130 -5.23 5.49 2.18
CA TYR B 130 -4.19 5.72 1.20
C TYR B 130 -4.36 7.08 0.47
N TYR B 131 -5.57 7.30 -0.05
CA TYR B 131 -5.77 8.51 -0.85
C TYR B 131 -5.72 9.80 0.00
N ILE B 132 -6.24 9.74 1.22
CA ILE B 132 -6.22 10.88 2.12
C ILE B 132 -4.76 11.18 2.56
N TYR B 133 -3.97 10.13 2.77
CA TYR B 133 -2.50 10.28 2.99
C TYR B 133 -1.81 11.00 1.82
N GLU B 134 -2.15 10.61 0.59
CA GLU B 134 -1.53 11.19 -0.61
C GLU B 134 -1.92 12.66 -0.76
N LEU B 135 -3.17 12.97 -0.39
CA LEU B 135 -3.67 14.34 -0.42
C LEU B 135 -2.99 15.22 0.65
N LEU B 136 -2.80 14.67 1.85
CA LEU B 136 -2.00 15.39 2.89
C LEU B 136 -0.56 15.77 2.44
N LYS B 137 0.09 14.88 1.67
CA LYS B 137 1.41 15.15 1.04
C LYS B 137 1.37 16.47 0.24
N ALA B 138 0.34 16.60 -0.59
CA ALA B 138 0.19 17.79 -1.41
C ALA B 138 -0.04 19.04 -0.56
N LEU B 139 -0.89 18.89 0.47
CA LEU B 139 -1.26 20.05 1.31
C LEU B 139 -0.08 20.53 2.16
N ASP B 140 0.60 19.58 2.79
CA ASP B 140 1.82 19.96 3.51
C ASP B 140 2.83 20.61 2.60
N TYR B 141 3.02 20.09 1.38
CA TYR B 141 3.93 20.72 0.44
C TYR B 141 3.52 22.15 0.11
N CYS B 142 2.28 22.36 -0.33
CA CYS B 142 1.86 23.75 -0.67
C CYS B 142 1.90 24.72 0.52
N HIS B 143 1.43 24.29 1.68
CA HIS B 143 1.61 25.09 2.92
C HIS B 143 3.10 25.46 3.20
N SER B 144 3.98 24.48 3.01
CA SER B 144 5.41 24.68 3.32
C SER B 144 6.06 25.68 2.35
N GLN B 145 5.45 25.80 1.17
CA GLN B 145 5.84 26.78 0.17
C GLN B 145 5.10 28.11 0.29
N GLY B 146 4.38 28.28 1.40
CA GLY B 146 3.72 29.54 1.75
C GLY B 146 2.41 29.77 0.99
N ILE B 147 1.80 28.71 0.45
CA ILE B 147 0.55 28.82 -0.32
C ILE B 147 -0.63 28.11 0.36
N MET B 148 -1.80 28.75 0.34
CA MET B 148 -3.11 28.17 0.75
C MET B 148 -3.83 27.71 -0.50
N HIS B 149 -4.39 26.48 -0.51
CA HIS B 149 -5.18 26.07 -1.71
C HIS B 149 -6.53 26.81 -1.84
N ARG B 150 -7.29 26.78 -0.75
CA ARG B 150 -8.58 27.50 -0.60
C ARG B 150 -9.78 26.94 -1.41
N ASP B 151 -9.62 25.76 -2.03
CA ASP B 151 -10.77 25.10 -2.68
C ASP B 151 -10.65 23.56 -2.62
N VAL B 152 -10.26 23.05 -1.46
CA VAL B 152 -10.23 21.59 -1.29
C VAL B 152 -11.65 20.99 -1.32
N LYS B 153 -11.83 19.99 -2.18
CA LYS B 153 -13.11 19.24 -2.34
C LYS B 153 -12.85 18.12 -3.34
N PRO B 154 -13.71 17.06 -3.32
CA PRO B 154 -13.52 15.91 -4.20
C PRO B 154 -13.43 16.27 -5.69
N HIS B 155 -14.14 17.33 -6.12
CA HIS B 155 -14.10 17.76 -7.55
C HIS B 155 -12.70 18.26 -7.94
N ASN B 156 -11.91 18.69 -6.95
CA ASN B 156 -10.55 19.15 -7.22
C ASN B 156 -9.44 18.14 -6.87
N VAL B 157 -9.81 16.88 -6.73
CA VAL B 157 -8.81 15.83 -6.43
C VAL B 157 -9.00 14.78 -7.52
N MET B 158 -8.02 14.71 -8.41
CA MET B 158 -8.08 13.79 -9.58
C MET B 158 -7.41 12.48 -9.13
N ILE B 159 -8.11 11.35 -9.33
CA ILE B 159 -7.57 10.03 -8.95
C ILE B 159 -7.70 9.10 -10.15
N ASP B 160 -6.56 8.55 -10.55
CA ASP B 160 -6.51 7.36 -11.38
C ASP B 160 -6.34 6.15 -10.45
N HIS B 161 -7.45 5.50 -10.13
CA HIS B 161 -7.43 4.39 -9.17
C HIS B 161 -6.56 3.19 -9.63
N GLU B 162 -6.59 2.86 -10.91
CA GLU B 162 -5.74 1.77 -11.46
C GLU B 162 -4.24 2.02 -11.26
N LEU B 163 -3.82 3.28 -11.36
CA LEU B 163 -2.42 3.65 -11.25
C LEU B 163 -2.08 4.18 -9.84
N ARG B 164 -3.07 4.19 -8.96
CA ARG B 164 -2.90 4.68 -7.58
C ARG B 164 -2.29 6.08 -7.52
N LYS B 165 -2.71 6.92 -8.46
CA LYS B 165 -2.16 8.24 -8.73
C LYS B 165 -3.20 9.31 -8.33
N LEU B 166 -2.75 10.29 -7.53
CA LEU B 166 -3.63 11.36 -7.04
C LEU B 166 -2.97 12.71 -7.35
N ARG B 167 -3.77 13.69 -7.81
CA ARG B 167 -3.32 15.08 -8.03
C ARG B 167 -4.35 16.11 -7.58
N LEU B 168 -3.88 17.06 -6.79
CA LEU B 168 -4.70 18.17 -6.33
C LEU B 168 -4.61 19.22 -7.45
N ILE B 169 -5.77 19.59 -7.97
CA ILE B 169 -5.91 20.47 -9.16
C ILE B 169 -6.63 21.77 -8.79
N ASP B 170 -7.00 22.57 -9.82
CA ASP B 170 -7.66 23.88 -9.72
C ASP B 170 -7.11 24.84 -8.64
N TRP B 171 -5.99 25.48 -8.99
CA TRP B 171 -5.23 26.41 -8.15
C TRP B 171 -5.70 27.88 -8.36
N GLY B 172 -6.85 28.04 -9.03
CA GLY B 172 -7.39 29.34 -9.39
C GLY B 172 -7.85 30.18 -8.18
N LEU B 173 -8.13 29.53 -7.04
CA LEU B 173 -8.45 30.25 -5.80
C LEU B 173 -7.27 30.34 -4.81
N ALA B 174 -6.16 29.70 -5.14
CA ALA B 174 -5.00 29.65 -4.25
C ALA B 174 -4.32 31.00 -4.06
N GLU B 175 -3.68 31.20 -2.92
CA GLU B 175 -3.15 32.51 -2.53
C GLU B 175 -1.95 32.36 -1.58
N PHE B 176 -1.04 33.33 -1.69
CA PHE B 176 0.16 33.43 -0.82
C PHE B 176 -0.22 33.84 0.60
N TYR B 177 0.27 33.11 1.60
CA TYR B 177 0.09 33.47 3.01
C TYR B 177 1.08 34.55 3.43
N HIS B 178 0.54 35.66 3.96
CA HIS B 178 1.36 36.76 4.55
C HIS B 178 0.78 37.07 5.94
N PRO B 179 1.62 37.03 6.99
CA PRO B 179 1.08 37.22 8.36
C PRO B 179 0.23 38.48 8.56
N GLY B 180 -0.91 38.30 9.20
CA GLY B 180 -1.87 39.38 9.45
C GLY B 180 -2.68 39.91 8.29
N LYS B 181 -2.47 39.38 7.08
CA LYS B 181 -3.27 39.82 5.95
C LYS B 181 -4.78 39.45 6.14
N GLU B 182 -5.66 40.41 5.86
CA GLU B 182 -7.09 40.08 5.90
C GLU B 182 -7.57 39.63 4.50
N TYR B 183 -7.85 38.34 4.36
CA TYR B 183 -8.29 37.76 3.06
C TYR B 183 -9.79 37.87 2.76
N ASN B 184 -10.12 37.85 1.47
CA ASN B 184 -11.47 37.62 1.01
C ASN B 184 -12.04 36.28 1.50
N VAL B 185 -13.27 36.32 2.03
CA VAL B 185 -13.94 35.11 2.53
C VAL B 185 -14.79 34.36 1.51
N ARG B 186 -14.98 34.92 0.31
CA ARG B 186 -15.71 34.21 -0.73
C ARG B 186 -14.71 33.30 -1.50
N VAL B 187 -14.27 32.28 -0.77
CA VAL B 187 -13.41 31.23 -1.29
C VAL B 187 -13.97 29.87 -0.84
N ALA B 188 -13.33 28.80 -1.33
CA ALA B 188 -13.82 27.44 -1.29
C ALA B 188 -15.20 27.28 -1.91
N SER B 189 -15.78 26.11 -1.74
CA SER B 189 -17.09 25.81 -2.28
C SER B 189 -17.97 25.65 -1.03
N ARG B 190 -19.22 26.12 -1.07
CA ARG B 190 -20.13 26.21 0.08
C ARG B 190 -20.01 25.07 1.15
N TYR B 191 -20.13 23.81 0.70
CA TYR B 191 -20.16 22.67 1.65
C TYR B 191 -18.83 22.48 2.41
N PHE B 192 -17.76 23.09 1.89
CA PHE B 192 -16.37 22.94 2.36
C PHE B 192 -15.82 24.20 3.04
N LYS B 193 -16.67 25.22 3.18
CA LYS B 193 -16.26 26.48 3.84
C LYS B 193 -16.07 26.26 5.33
N GLY B 194 -14.91 26.70 5.83
CA GLY B 194 -14.64 26.64 7.24
C GLY B 194 -15.45 27.68 7.98
N PRO B 195 -15.62 27.51 9.30
CA PRO B 195 -16.34 28.48 10.12
C PRO B 195 -15.76 29.88 9.97
N GLU B 196 -14.43 30.02 9.81
CA GLU B 196 -13.81 31.37 9.63
C GLU B 196 -14.44 32.15 8.49
N LEU B 197 -14.76 31.45 7.41
CA LEU B 197 -15.39 32.08 6.24
C LEU B 197 -16.86 32.44 6.42
N LEU B 198 -17.52 31.73 7.35
CA LEU B 198 -18.95 31.85 7.60
C LEU B 198 -19.28 32.91 8.64
N VAL B 199 -18.24 33.30 9.40
CA VAL B 199 -18.38 34.30 10.46
C VAL B 199 -17.55 35.57 10.17
N ASP B 200 -16.97 35.62 8.96
CA ASP B 200 -16.12 36.72 8.53
C ASP B 200 -14.83 36.93 9.33
N LEU B 201 -14.17 35.83 9.70
CA LEU B 201 -12.83 35.93 10.31
C LEU B 201 -11.81 35.97 9.17
N GLN B 202 -11.28 37.17 8.85
CA GLN B 202 -10.56 37.35 7.62
C GLN B 202 -9.10 36.94 7.65
N ASP B 203 -8.50 36.97 8.83
CA ASP B 203 -7.05 36.69 8.92
C ASP B 203 -6.84 35.20 9.16
N TYR B 204 -7.36 34.40 8.25
CA TYR B 204 -7.24 32.95 8.33
C TYR B 204 -5.94 32.50 7.70
N ASP B 205 -5.72 31.18 7.66
CA ASP B 205 -4.41 30.65 7.23
C ASP B 205 -4.53 29.28 6.55
N TYR B 206 -3.41 28.60 6.37
CA TYR B 206 -3.37 27.24 5.82
C TYR B 206 -4.41 26.30 6.42
N SER B 207 -4.71 26.52 7.69
CA SER B 207 -5.68 25.69 8.45
C SER B 207 -7.11 25.62 7.84
N LEU B 208 -7.47 26.63 7.04
CA LEU B 208 -8.70 26.58 6.22
C LEU B 208 -8.80 25.29 5.41
N ASP B 209 -7.69 24.92 4.78
CA ASP B 209 -7.58 23.70 3.96
C ASP B 209 -7.88 22.42 4.76
N MET B 210 -7.51 22.42 6.04
CA MET B 210 -7.70 21.25 6.93
C MET B 210 -9.22 21.10 7.34
N TRP B 211 -9.94 22.22 7.47
CA TRP B 211 -11.41 22.12 7.61
C TRP B 211 -12.02 21.46 6.37
N SER B 212 -11.61 21.93 5.21
CA SER B 212 -12.17 21.44 3.91
C SER B 212 -11.90 19.95 3.75
N LEU B 213 -10.64 19.58 4.01
CA LEU B 213 -10.24 18.16 4.07
C LEU B 213 -11.16 17.33 5.00
N GLY B 214 -11.37 17.81 6.22
CA GLY B 214 -12.31 17.21 7.18
C GLY B 214 -13.72 16.96 6.63
N CYS B 215 -14.29 17.95 5.90
CA CYS B 215 -15.62 17.82 5.30
C CYS B 215 -15.68 16.67 4.26
N MET B 216 -14.67 16.68 3.39
CA MET B 216 -14.45 15.63 2.41
C MET B 216 -14.30 14.24 3.07
N PHE B 217 -13.51 14.16 4.14
CA PHE B 217 -13.19 12.93 4.80
C PHE B 217 -14.48 12.38 5.46
N ALA B 218 -15.21 13.24 6.17
CA ALA B 218 -16.50 12.87 6.79
C ALA B 218 -17.45 12.29 5.73
N GLY B 219 -17.62 12.99 4.61
CA GLY B 219 -18.46 12.48 3.52
C GLY B 219 -18.10 11.08 3.00
N MET B 220 -16.81 10.78 2.97
CA MET B 220 -16.29 9.50 2.47
C MET B 220 -16.50 8.36 3.47
N ILE B 221 -16.11 8.57 4.73
CA ILE B 221 -16.18 7.50 5.72
C ILE B 221 -17.64 7.23 6.16
N PHE B 222 -18.49 8.28 6.15
CA PHE B 222 -19.89 8.09 6.55
C PHE B 222 -20.86 7.88 5.38
N ARG B 223 -20.33 8.01 4.16
CA ARG B 223 -21.15 7.93 2.95
C ARG B 223 -22.32 8.93 3.02
N LYS B 224 -22.00 10.15 3.46
CA LYS B 224 -22.96 11.25 3.57
C LYS B 224 -22.33 12.45 2.86
N GLU B 225 -22.74 12.63 1.60
CA GLU B 225 -22.15 13.64 0.72
C GLU B 225 -23.24 14.57 0.11
N PRO B 226 -23.09 15.91 0.28
CA PRO B 226 -22.02 16.55 1.08
C PRO B 226 -22.35 16.36 2.53
N PHE B 227 -21.33 16.36 3.38
CA PHE B 227 -21.56 16.11 4.79
C PHE B 227 -22.34 17.22 5.52
N PHE B 228 -21.97 18.47 5.28
CA PHE B 228 -22.68 19.63 5.80
C PHE B 228 -23.36 20.27 4.57
N TYR B 229 -24.67 20.01 4.41
CA TYR B 229 -25.36 20.33 3.17
C TYR B 229 -26.21 21.58 3.37
N GLY B 230 -25.58 22.75 3.49
CA GLY B 230 -26.27 24.02 3.75
C GLY B 230 -26.86 24.55 2.46
N HIS B 231 -27.98 25.28 2.52
CA HIS B 231 -28.58 25.82 1.28
C HIS B 231 -28.07 27.19 0.89
N ASP B 232 -27.42 27.87 1.81
CA ASP B 232 -26.68 29.10 1.52
C ASP B 232 -25.66 29.24 2.66
N ASN B 233 -24.96 30.36 2.70
CA ASN B 233 -23.86 30.55 3.63
C ASN B 233 -24.31 30.60 5.10
N HIS B 234 -25.49 31.17 5.33
CA HIS B 234 -26.06 31.16 6.69
C HIS B 234 -26.45 29.77 7.15
N ASP B 235 -27.21 29.07 6.30
CA ASP B 235 -27.64 27.71 6.56
C ASP B 235 -26.43 26.73 6.72
N GLN B 236 -25.33 27.03 6.02
CA GLN B 236 -24.07 26.25 6.13
C GLN B 236 -23.59 26.24 7.59
N LEU B 237 -23.54 27.42 8.21
CA LEU B 237 -23.14 27.50 9.62
C LEU B 237 -24.12 26.74 10.54
N VAL B 238 -25.43 26.83 10.24
CA VAL B 238 -26.46 26.10 11.01
C VAL B 238 -26.20 24.60 10.95
N LYS B 239 -25.97 24.09 9.74
CA LYS B 239 -25.71 22.64 9.55
C LYS B 239 -24.47 22.14 10.34
N ILE B 240 -23.42 22.97 10.38
CA ILE B 240 -22.20 22.71 11.20
C ILE B 240 -22.57 22.75 12.71
N ALA B 241 -23.25 23.81 13.13
CA ALA B 241 -23.67 23.95 14.55
C ALA B 241 -24.54 22.79 15.07
N LYS B 242 -25.39 22.23 14.20
CA LYS B 242 -26.23 21.07 14.61
C LYS B 242 -25.47 19.79 14.90
N VAL B 243 -24.23 19.73 14.41
CA VAL B 243 -23.38 18.56 14.61
C VAL B 243 -22.33 18.82 15.72
N LEU B 244 -21.53 19.88 15.58
CA LEU B 244 -20.48 20.17 16.57
C LEU B 244 -21.02 20.77 17.86
N GLY B 245 -22.23 21.36 17.78
CA GLY B 245 -22.87 21.99 18.93
C GLY B 245 -22.56 23.49 18.97
N THR B 246 -23.50 24.23 19.57
CA THR B 246 -23.38 25.67 19.73
C THR B 246 -22.48 26.12 20.91
N ASP B 247 -22.25 25.23 21.90
CA ASP B 247 -21.32 25.56 23.00
C ASP B 247 -19.91 25.98 22.50
N GLY B 248 -19.29 25.15 21.66
CA GLY B 248 -17.97 25.45 21.11
C GLY B 248 -17.99 26.63 20.17
N LEU B 249 -19.15 26.83 19.51
CA LEU B 249 -19.30 27.94 18.57
C LEU B 249 -19.25 29.26 19.34
N ASN B 250 -20.02 29.35 20.42
CA ASN B 250 -20.05 30.58 21.27
C ASN B 250 -18.69 30.87 21.99
N VAL B 251 -17.95 29.84 22.36
CA VAL B 251 -16.61 30.02 22.94
C VAL B 251 -15.64 30.55 21.86
N TYR B 252 -15.70 29.93 20.69
CA TYR B 252 -14.99 30.38 19.48
C TYR B 252 -15.26 31.85 19.13
N LEU B 253 -16.52 32.25 19.04
CA LEU B 253 -16.89 33.64 18.70
C LEU B 253 -16.36 34.63 19.78
N ASN B 254 -16.49 34.23 21.06
CA ASN B 254 -15.95 35.02 22.20
C ASN B 254 -14.43 35.25 22.07
N LYS B 255 -13.69 34.16 21.83
CA LYS B 255 -12.24 34.21 21.60
C LYS B 255 -11.85 35.27 20.58
N TYR B 256 -12.49 35.20 19.41
CA TYR B 256 -12.11 36.07 18.28
C TYR B 256 -12.83 37.42 18.26
N ARG B 257 -13.65 37.64 19.29
CA ARG B 257 -14.40 38.88 19.45
C ARG B 257 -15.34 39.15 18.29
N ILE B 258 -16.07 38.12 17.88
CA ILE B 258 -16.98 38.23 16.74
C ILE B 258 -18.42 38.13 17.22
N GLU B 259 -19.23 39.10 16.79
CA GLU B 259 -20.67 38.99 17.02
C GLU B 259 -21.40 38.71 15.71
N LEU B 260 -22.13 37.61 15.70
CA LEU B 260 -22.93 37.21 14.55
C LEU B 260 -24.03 38.25 14.34
N ASP B 261 -24.31 38.50 13.07
CA ASP B 261 -25.48 39.27 12.67
C ASP B 261 -26.66 38.64 13.40
N PRO B 262 -27.51 39.48 14.04
CA PRO B 262 -28.64 39.03 14.87
C PRO B 262 -29.53 37.95 14.20
N GLN B 263 -29.76 38.07 12.90
CA GLN B 263 -30.53 37.08 12.18
C GLN B 263 -29.85 35.72 12.01
N LEU B 264 -28.54 35.71 11.80
CA LEU B 264 -27.77 34.46 11.77
C LEU B 264 -27.75 33.79 13.15
N GLU B 265 -27.64 34.61 14.19
CA GLU B 265 -27.69 34.11 15.54
C GLU B 265 -28.98 33.34 15.81
N ALA B 266 -30.13 33.96 15.47
CA ALA B 266 -31.45 33.29 15.59
C ALA B 266 -31.57 32.01 14.77
N LEU B 267 -31.03 32.01 13.55
CA LEU B 267 -31.09 30.79 12.71
C LEU B 267 -30.25 29.66 13.32
N VAL B 268 -29.09 29.99 13.85
CA VAL B 268 -28.20 29.01 14.50
C VAL B 268 -28.84 28.37 15.73
N GLY B 269 -29.52 29.16 16.55
CA GLY B 269 -30.15 28.64 17.78
C GLY B 269 -29.21 28.04 18.81
N ARG B 270 -29.70 26.99 19.48
CA ARG B 270 -28.95 26.24 20.50
C ARG B 270 -29.05 24.74 20.21
N HIS B 271 -27.89 24.06 20.18
CA HIS B 271 -27.79 22.61 19.95
C HIS B 271 -26.68 21.89 20.74
N SER B 272 -27.01 20.66 21.14
CA SER B 272 -26.07 19.70 21.69
C SER B 272 -25.16 19.15 20.60
N ARG B 273 -23.93 18.85 20.98
CA ARG B 273 -23.00 18.14 20.12
C ARG B 273 -23.52 16.74 19.80
N LYS B 274 -23.49 16.38 18.52
CA LYS B 274 -23.89 15.04 18.07
C LYS B 274 -22.60 14.20 18.04
N PRO B 275 -22.54 13.10 18.83
CA PRO B 275 -21.37 12.23 18.78
C PRO B 275 -21.17 11.59 17.37
N TRP B 276 -19.91 11.51 16.95
CA TRP B 276 -19.54 10.99 15.62
C TRP B 276 -20.07 9.58 15.38
N LEU B 277 -20.04 8.74 16.43
CA LEU B 277 -20.58 7.34 16.37
C LEU B 277 -22.02 7.26 15.83
N LYS B 278 -22.83 8.28 16.10
CA LYS B 278 -24.22 8.42 15.58
C LYS B 278 -24.31 8.46 14.06
N PHE B 279 -23.19 8.70 13.36
CA PHE B 279 -23.19 8.71 11.92
C PHE B 279 -22.96 7.31 11.32
N MET B 280 -22.48 6.38 12.12
CA MET B 280 -22.22 5.02 11.63
C MET B 280 -23.52 4.24 11.41
N ASN B 281 -23.57 3.49 10.31
CA ASN B 281 -24.74 2.65 9.94
C ASN B 281 -24.31 1.43 9.12
N ALA B 282 -25.24 0.57 8.70
CA ALA B 282 -24.93 -0.70 8.01
C ALA B 282 -24.18 -0.43 6.69
N ASP B 283 -24.56 0.67 6.05
CA ASP B 283 -24.01 1.08 4.75
C ASP B 283 -22.51 1.46 4.86
N ASN B 284 -22.12 2.09 5.96
CA ASN B 284 -20.75 2.67 6.07
C ASN B 284 -19.88 1.99 7.13
N GLN B 285 -20.44 1.03 7.86
CA GLN B 285 -19.73 0.38 9.02
C GLN B 285 -18.28 -0.12 8.72
N HIS B 286 -18.06 -0.56 7.49
CA HIS B 286 -16.76 -1.12 7.07
C HIS B 286 -15.66 -0.03 6.87
N LEU B 287 -16.05 1.25 6.80
CA LEU B 287 -15.12 2.39 6.64
C LEU B 287 -14.83 3.16 7.96
N VAL B 288 -15.57 2.81 9.02
CA VAL B 288 -15.57 3.58 10.26
C VAL B 288 -14.80 2.83 11.36
N SER B 289 -13.88 3.53 12.01
CA SER B 289 -13.04 2.93 13.06
C SER B 289 -12.75 4.01 14.08
N PRO B 290 -12.34 3.63 15.33
CA PRO B 290 -12.00 4.65 16.31
C PRO B 290 -10.90 5.58 15.78
N GLU B 291 -9.95 5.05 15.02
CA GLU B 291 -8.90 5.94 14.49
C GLU B 291 -9.40 6.93 13.45
N ALA B 292 -10.27 6.50 12.54
CA ALA B 292 -10.94 7.44 11.60
C ALA B 292 -11.69 8.55 12.34
N ILE B 293 -12.49 8.17 13.35
CA ILE B 293 -13.24 9.13 14.16
C ILE B 293 -12.33 10.14 14.87
N ASP B 294 -11.31 9.61 15.55
CA ASP B 294 -10.32 10.49 16.21
C ASP B 294 -9.64 11.50 15.24
N PHE B 295 -9.23 10.99 14.08
CA PHE B 295 -8.63 11.81 13.01
C PHE B 295 -9.61 12.90 12.58
N LEU B 296 -10.85 12.50 12.24
CA LEU B 296 -11.90 13.47 11.80
C LEU B 296 -12.13 14.56 12.87
N ASP B 297 -12.20 14.11 14.13
CA ASP B 297 -12.48 15.00 15.26
C ASP B 297 -11.41 16.09 15.39
N LYS B 298 -10.15 15.77 15.04
CA LYS B 298 -9.04 16.71 15.19
C LYS B 298 -8.93 17.64 13.98
N LEU B 299 -9.73 17.37 12.93
CA LEU B 299 -9.79 18.25 11.75
C LEU B 299 -10.92 19.28 11.88
N LEU B 300 -12.10 18.83 12.31
CA LEU B 300 -13.31 19.65 12.36
C LEU B 300 -13.43 20.32 13.72
N ARG B 301 -12.59 21.35 13.94
CA ARG B 301 -12.68 22.27 15.09
C ARG B 301 -13.08 23.67 14.58
N TYR B 302 -13.97 24.34 15.32
CA TYR B 302 -14.33 25.74 15.02
C TYR B 302 -13.05 26.56 14.93
N ASP B 303 -12.26 26.56 16.01
CA ASP B 303 -11.02 27.36 16.08
C ASP B 303 -9.92 26.78 15.18
N HIS B 304 -9.58 27.52 14.12
CA HIS B 304 -8.59 27.07 13.12
C HIS B 304 -7.24 26.74 13.77
N GLN B 305 -6.88 27.45 14.85
CA GLN B 305 -5.61 27.17 15.55
C GLN B 305 -5.52 25.78 16.21
N GLU B 306 -6.67 25.18 16.54
CA GLU B 306 -6.79 23.86 17.18
C GLU B 306 -6.67 22.68 16.18
N ARG B 307 -6.86 22.95 14.89
CA ARG B 307 -6.88 21.88 13.86
C ARG B 307 -5.49 21.27 13.64
N LEU B 308 -5.41 19.95 13.39
CA LEU B 308 -4.16 19.36 12.93
C LEU B 308 -3.53 20.12 11.76
N THR B 309 -2.20 20.27 11.78
CA THR B 309 -1.45 20.66 10.57
C THR B 309 -1.43 19.47 9.64
N ALA B 310 -1.18 19.73 8.35
CA ALA B 310 -1.10 18.61 7.39
C ALA B 310 0.00 17.59 7.77
N LEU B 311 1.13 18.12 8.26
CA LEU B 311 2.24 17.32 8.63
C LEU B 311 1.87 16.46 9.84
N GLU B 312 1.27 17.10 10.85
CA GLU B 312 0.83 16.41 12.11
C GLU B 312 -0.14 15.28 11.77
N ALA B 313 -1.11 15.60 10.89
CA ALA B 313 -2.14 14.65 10.41
C ALA B 313 -1.54 13.36 9.88
N MET B 314 -0.47 13.47 9.09
CA MET B 314 0.24 12.31 8.50
C MET B 314 0.81 11.30 9.53
N THR B 315 1.08 11.77 10.75
CA THR B 315 1.58 10.85 11.79
C THR B 315 0.46 10.10 12.54
N HIS B 316 -0.80 10.44 12.24
CA HIS B 316 -1.94 9.87 13.01
C HIS B 316 -2.01 8.36 12.85
N PRO B 317 -2.30 7.62 13.95
CA PRO B 317 -2.50 6.16 13.82
C PRO B 317 -3.44 5.64 12.70
N TYR B 318 -4.37 6.48 12.23
CA TYR B 318 -5.23 6.14 11.10
C TYR B 318 -4.39 5.75 9.85
N PHE B 319 -3.23 6.38 9.68
CA PHE B 319 -2.33 6.11 8.54
C PHE B 319 -1.22 5.08 8.78
N GLN B 320 -1.29 4.40 9.94
CA GLN B 320 -0.19 3.48 10.32
C GLN B 320 0.15 2.46 9.24
N GLN B 321 -0.87 1.81 8.64
CA GLN B 321 -0.60 0.75 7.65
C GLN B 321 -0.12 1.34 6.33
N VAL B 322 -0.68 2.48 5.96
CA VAL B 322 -0.19 3.22 4.77
C VAL B 322 1.33 3.54 4.84
N ARG B 323 1.76 4.16 5.93
CA ARG B 323 3.15 4.50 6.17
C ARG B 323 4.06 3.26 6.19
N ALA B 324 3.60 2.21 6.89
CA ALA B 324 4.27 0.90 6.86
C ALA B 324 4.54 0.34 5.45
N ALA B 325 3.56 0.43 4.56
CA ALA B 325 3.74 -0.04 3.20
C ALA B 325 4.80 0.77 2.43
N GLU B 326 5.02 2.04 2.79
CA GLU B 326 6.05 2.83 2.09
C GLU B 326 7.42 2.83 2.80
N ASN B 327 7.71 1.78 3.55
CA ASN B 327 9.05 1.64 4.09
C ASN B 327 9.89 0.68 3.23
N SER B 328 11.21 0.90 3.23
CA SER B 328 12.15 -0.03 2.61
C SER B 328 12.15 -1.35 3.39
BR3 K17 C . 12.17 -17.29 13.51
C3 K17 C . 10.42 -17.43 14.18
C2 K17 C . 9.74 -16.24 14.45
BR2 K17 C . 10.64 -14.60 14.05
C7 K17 C . 9.86 -18.67 14.43
N8 K17 C . 10.34 -19.95 14.24
C9 K17 C . 9.34 -20.74 14.65
N5 K17 C . 8.29 -20.00 15.09
C6 K17 C . 8.57 -18.70 14.97
C4 K17 C . 7.86 -17.51 15.27
BR4 K17 C . 6.10 -17.54 16.03
C1 K17 C . 8.45 -16.26 15.00
BR1 K17 C . 7.57 -14.62 15.40
BR3 K17 D . -5.88 20.17 -14.37
C3 K17 D . -7.30 18.98 -14.64
C2 K17 D . -7.07 17.62 -14.84
BR2 K17 D . -5.30 17.01 -14.74
C7 K17 D . -8.55 19.55 -14.65
N8 K17 D . -8.99 20.85 -14.50
C9 K17 D . -10.32 20.76 -14.62
N5 K17 D . -10.69 19.46 -14.87
C6 K17 D . -9.60 18.69 -14.90
C4 K17 D . -9.37 17.32 -15.11
BR4 K17 D . -10.84 16.24 -15.46
C1 K17 D . -8.11 16.74 -15.08
BR1 K17 D . -7.81 14.84 -15.39
#